data_1RSV
#
_entry.id   1RSV
#
_cell.length_a   73.893
_cell.length_b   84.501
_cell.length_c   113.963
_cell.angle_alpha   90.00
_cell.angle_beta   90.00
_cell.angle_gamma   90.00
#
_symmetry.space_group_name_H-M   'P 21 21 21'
#
loop_
_entity.id
_entity.type
_entity.pdbx_description
1 polymer 'Ribonucleoside-diphosphate reductase 1 beta chain'
2 non-polymer 'FE (III) ION'
3 non-polymer 'MERCURY (II) ION'
4 non-polymer 'AZIDE ION'
5 water water
#
_entity_poly.entity_id   1
_entity_poly.type   'polypeptide(L)'
_entity_poly.pdbx_seq_one_letter_code
;AYTTFSQTKNDQLKEPMFFGQPVNVARYDQQKYDIFEKLIEKQLSFFWRPEEVDVSRDRIDYQALPEHEKHIFISNLKYQ
TLLDSIQGRSPNVALLPLISIPELETWVETWAFSETIHSRSFTHIIRNIVNDPSVVFDDIVTNEQIQKRAEGISSYYDEL
IEMTSYWHLLGEGTHTVNGKTVTVSLRELKKKLYLCLMSVNALEAIRFYVSFACSFAFAERELMEGNAKIIRLIARDAAL
HLTGTQHMLNLLRSGADDPEMAEIAEECKQECYDLFVQAAQQEKDWADYLFRDGSMIGLNKDILCQYVEYITNIRMQAVG
LDLPFQTRSNPIPWINTWLVSDNVQVAPQEVEVSSYLVGQIDSEVDTDDLSNFQL
;
_entity_poly.pdbx_strand_id   A,B
#
loop_
_chem_comp.id
_chem_comp.type
_chem_comp.name
_chem_comp.formula
AZI non-polymer 'AZIDE ION' 'N3 -1'
FE non-polymer 'FE (III) ION' 'Fe 3'
HG non-polymer 'MERCURY (II) ION' 'Hg 2'
#
# COMPACT_ATOMS: atom_id res chain seq x y z
N ALA A 1 15.98 -1.44 -13.44
CA ALA A 1 16.57 -2.26 -12.38
C ALA A 1 15.60 -2.69 -11.28
N TYR A 2 14.52 -1.97 -11.06
CA TYR A 2 13.58 -2.44 -10.03
C TYR A 2 12.70 -3.57 -10.61
N THR A 3 12.37 -4.57 -9.79
CA THR A 3 11.51 -5.60 -10.31
C THR A 3 10.41 -6.01 -9.37
N THR A 4 9.18 -6.12 -9.93
CA THR A 4 7.98 -6.50 -9.19
C THR A 4 8.02 -7.96 -8.84
N PHE A 5 8.96 -8.66 -9.49
CA PHE A 5 9.20 -10.11 -9.26
C PHE A 5 10.58 -10.61 -9.68
N SER A 6 11.57 -10.46 -8.76
CA SER A 6 12.98 -10.88 -8.98
C SER A 6 13.08 -12.39 -9.24
N GLN A 7 13.68 -12.75 -10.38
CA GLN A 7 13.78 -14.15 -10.77
C GLN A 7 14.81 -15.03 -10.14
N THR A 8 15.76 -14.43 -9.41
CA THR A 8 16.76 -15.24 -8.79
C THR A 8 16.18 -15.89 -7.56
N LYS A 9 16.37 -17.18 -7.39
CA LYS A 9 15.84 -17.84 -6.20
C LYS A 9 16.82 -17.33 -5.18
N ASN A 10 16.34 -16.73 -4.08
CA ASN A 10 17.24 -16.14 -3.07
C ASN A 10 16.87 -16.48 -1.62
N ASP A 11 17.82 -16.57 -0.70
CA ASP A 11 17.47 -16.85 0.70
C ASP A 11 17.03 -15.50 1.30
N GLN A 12 15.73 -15.35 1.52
CA GLN A 12 15.17 -14.14 2.01
C GLN A 12 15.53 -13.92 3.46
N LEU A 13 16.02 -14.96 4.10
CA LEU A 13 16.39 -14.80 5.48
C LEU A 13 17.76 -14.07 5.58
N LYS A 14 18.51 -14.07 4.48
CA LYS A 14 19.79 -13.48 4.47
C LYS A 14 19.89 -12.18 3.74
N GLU A 15 18.77 -11.61 3.37
CA GLU A 15 18.89 -10.35 2.71
C GLU A 15 18.89 -9.31 3.81
N PRO A 16 19.34 -8.10 3.45
CA PRO A 16 19.30 -6.95 4.37
C PRO A 16 17.84 -6.42 4.33
N MET A 17 17.43 -5.67 5.33
CA MET A 17 16.11 -5.10 5.35
C MET A 17 15.89 -4.30 4.09
N PHE A 18 16.86 -3.48 3.69
CA PHE A 18 16.74 -2.64 2.51
C PHE A 18 17.90 -2.78 1.57
N PHE A 19 17.66 -2.37 0.32
CA PHE A 19 18.69 -2.37 -0.70
C PHE A 19 19.16 -3.74 -1.19
N GLY A 20 18.57 -4.83 -0.67
CA GLY A 20 18.96 -6.14 -1.17
C GLY A 20 18.16 -6.42 -2.46
N GLN A 21 18.02 -7.69 -2.88
CA GLN A 21 17.20 -8.03 -4.06
C GLN A 21 15.71 -7.79 -3.68
N PRO A 22 14.93 -7.19 -4.60
CA PRO A 22 13.53 -6.93 -4.33
C PRO A 22 12.90 -8.26 -3.95
N VAL A 23 11.96 -8.21 -2.99
CA VAL A 23 11.35 -9.45 -2.57
C VAL A 23 10.60 -10.11 -3.78
N ASN A 24 10.72 -11.43 -3.94
CA ASN A 24 9.94 -12.04 -5.00
C ASN A 24 8.71 -12.68 -4.36
N VAL A 25 8.87 -13.86 -3.76
CA VAL A 25 7.73 -14.49 -3.12
C VAL A 25 7.36 -13.90 -1.78
N ALA A 26 6.05 -13.74 -1.51
CA ALA A 26 5.52 -13.24 -0.23
C ALA A 26 5.14 -14.46 0.54
N ARG A 27 5.99 -14.79 1.48
CA ARG A 27 5.79 -15.94 2.36
C ARG A 27 5.95 -15.40 3.79
N TYR A 28 5.13 -15.93 4.72
CA TYR A 28 5.13 -15.53 6.09
C TYR A 28 5.36 -16.72 7.04
N ASP A 29 5.95 -17.83 6.55
CA ASP A 29 6.21 -18.99 7.38
C ASP A 29 7.50 -18.85 8.20
N GLN A 30 8.31 -17.88 7.85
CA GLN A 30 9.58 -17.61 8.50
C GLN A 30 9.87 -16.11 8.28
N GLN A 31 10.77 -15.58 9.09
CA GLN A 31 11.15 -14.19 9.01
C GLN A 31 12.54 -13.99 9.57
N LYS A 32 13.28 -13.03 9.02
CA LYS A 32 14.60 -12.72 9.52
C LYS A 32 14.33 -12.05 10.88
N TYR A 33 13.40 -11.13 10.92
CA TYR A 33 13.06 -10.42 12.16
C TYR A 33 11.58 -10.55 12.35
N ASP A 34 11.23 -11.39 13.32
CA ASP A 34 9.85 -11.65 13.66
C ASP A 34 9.09 -10.49 14.24
N ILE A 35 9.78 -9.47 14.69
CA ILE A 35 9.10 -8.32 15.19
C ILE A 35 8.25 -7.80 14.02
N PHE A 36 8.71 -7.89 12.77
CA PHE A 36 7.84 -7.33 11.71
C PHE A 36 6.51 -8.10 11.52
N GLU A 37 6.57 -9.44 11.63
CA GLU A 37 5.43 -10.34 11.50
C GLU A 37 4.51 -10.09 12.67
N LYS A 38 5.14 -9.95 13.83
CA LYS A 38 4.37 -9.65 15.01
C LYS A 38 3.60 -8.34 14.83
N LEU A 39 4.22 -7.31 14.24
CA LEU A 39 3.52 -6.02 14.04
C LEU A 39 2.36 -6.18 13.09
N ILE A 40 2.57 -6.97 12.04
CA ILE A 40 1.45 -7.16 11.06
C ILE A 40 0.27 -7.82 11.73
N GLU A 41 0.58 -8.85 12.56
CA GLU A 41 -0.48 -9.57 13.26
C GLU A 41 -1.25 -8.69 14.22
N LYS A 42 -0.53 -7.81 14.93
CA LYS A 42 -1.19 -6.93 15.89
C LYS A 42 -2.00 -5.94 15.17
N GLN A 43 -1.45 -5.30 14.15
CA GLN A 43 -2.22 -4.27 13.39
C GLN A 43 -3.58 -4.84 12.86
N LEU A 44 -3.49 -5.99 12.18
CA LEU A 44 -4.64 -6.78 11.67
C LEU A 44 -5.66 -7.02 12.79
N SER A 45 -5.16 -7.42 13.96
CA SER A 45 -6.04 -7.67 15.12
C SER A 45 -6.64 -6.38 15.59
N PHE A 46 -6.01 -5.23 15.25
CA PHE A 46 -6.59 -3.95 15.67
C PHE A 46 -7.52 -3.31 14.61
N PHE A 47 -7.75 -4.01 13.48
CA PHE A 47 -8.58 -3.41 12.41
C PHE A 47 -9.87 -2.78 12.94
N TRP A 48 -10.15 -1.52 12.55
CA TRP A 48 -11.32 -0.84 12.99
C TRP A 48 -11.87 -0.05 11.84
N ARG A 49 -13.16 0.26 11.92
CA ARG A 49 -13.80 0.99 10.85
C ARG A 49 -14.34 2.24 11.42
N PRO A 50 -13.82 3.31 10.92
CA PRO A 50 -14.17 4.65 11.36
C PRO A 50 -15.65 5.02 11.41
N GLU A 51 -16.30 4.90 10.26
CA GLU A 51 -17.72 5.24 10.11
C GLU A 51 -18.57 4.60 11.20
N GLU A 52 -18.11 3.48 11.68
CA GLU A 52 -18.81 2.76 12.69
C GLU A 52 -18.84 3.52 14.00
N VAL A 53 -17.86 4.41 14.20
CA VAL A 53 -17.74 5.21 15.42
C VAL A 53 -18.86 6.25 15.54
N ASP A 54 -19.55 6.28 16.66
CA ASP A 54 -20.62 7.27 16.78
C ASP A 54 -20.09 8.66 17.05
N VAL A 55 -20.38 9.60 16.20
CA VAL A 55 -19.93 10.99 16.38
C VAL A 55 -21.17 11.85 16.30
N SER A 56 -22.34 11.20 16.42
CA SER A 56 -23.62 11.91 16.35
C SER A 56 -23.71 13.17 17.24
N ARG A 57 -23.07 13.13 18.42
CA ARG A 57 -23.09 14.24 19.35
C ARG A 57 -21.94 15.21 19.24
N ASP A 58 -20.88 14.83 18.55
CA ASP A 58 -19.73 15.72 18.41
C ASP A 58 -20.06 17.12 17.87
N ARG A 59 -21.05 17.20 16.98
CA ARG A 59 -21.50 18.44 16.36
C ARG A 59 -22.11 19.38 17.43
N ILE A 60 -22.94 18.78 18.27
CA ILE A 60 -23.56 19.54 19.34
C ILE A 60 -22.40 20.14 20.16
N ASP A 61 -21.54 19.30 20.77
CA ASP A 61 -20.41 19.79 21.54
C ASP A 61 -19.63 20.82 20.76
N TYR A 62 -19.21 20.42 19.58
CA TYR A 62 -18.40 21.30 18.76
C TYR A 62 -18.96 22.69 18.54
N GLN A 63 -20.27 22.76 18.22
CA GLN A 63 -20.98 24.03 17.96
C GLN A 63 -21.02 24.90 19.22
N ALA A 64 -21.19 24.25 20.35
CA ALA A 64 -21.31 24.90 21.63
C ALA A 64 -20.01 25.42 22.12
N LEU A 65 -18.96 25.17 21.36
CA LEU A 65 -17.62 25.60 21.77
C LEU A 65 -17.31 27.07 21.61
N PRO A 66 -16.54 27.62 22.55
CA PRO A 66 -16.12 29.01 22.46
C PRO A 66 -15.34 29.10 21.16
N GLU A 67 -15.43 30.18 20.43
CA GLU A 67 -14.73 30.32 19.16
C GLU A 67 -13.27 29.90 19.15
N HIS A 68 -12.57 30.21 20.23
CA HIS A 68 -11.16 29.85 20.28
C HIS A 68 -10.94 28.36 20.54
N GLU A 69 -11.86 27.72 21.22
CA GLU A 69 -11.67 26.33 21.46
C GLU A 69 -11.87 25.63 20.11
N LYS A 70 -12.82 26.13 19.35
CA LYS A 70 -13.10 25.57 18.05
C LYS A 70 -11.84 25.59 17.22
N HIS A 71 -11.18 26.74 17.27
CA HIS A 71 -9.97 26.98 16.54
C HIS A 71 -8.86 26.05 16.98
N ILE A 72 -8.78 25.88 18.29
CA ILE A 72 -7.76 25.01 18.80
C ILE A 72 -8.11 23.66 18.25
N PHE A 73 -9.32 23.24 18.51
CA PHE A 73 -9.76 21.94 18.04
C PHE A 73 -9.52 21.60 16.57
N ILE A 74 -9.99 22.49 15.70
CA ILE A 74 -9.87 22.30 14.29
C ILE A 74 -8.48 22.44 13.75
N SER A 75 -7.74 23.41 14.26
CA SER A 75 -6.38 23.60 13.79
C SER A 75 -5.64 22.30 14.02
N ASN A 76 -5.82 21.71 15.20
CA ASN A 76 -5.19 20.44 15.57
C ASN A 76 -5.62 19.34 14.59
N LEU A 77 -6.92 19.16 14.44
CA LEU A 77 -7.46 18.13 13.54
C LEU A 77 -6.93 18.30 12.10
N LYS A 78 -6.89 19.53 11.65
CA LYS A 78 -6.37 19.75 10.31
C LYS A 78 -4.92 19.27 10.20
N TYR A 79 -4.12 19.42 11.28
CA TYR A 79 -2.72 18.97 11.26
C TYR A 79 -2.64 17.42 11.21
N GLN A 80 -3.45 16.78 12.04
CA GLN A 80 -3.48 15.32 12.05
C GLN A 80 -3.82 14.84 10.61
N THR A 81 -4.85 15.45 10.03
CA THR A 81 -5.27 15.13 8.68
C THR A 81 -4.08 15.26 7.71
N LEU A 82 -3.33 16.36 7.80
CA LEU A 82 -2.21 16.51 6.88
C LEU A 82 -1.23 15.37 7.04
N LEU A 83 -0.95 15.03 8.28
CA LEU A 83 0.04 13.99 8.48
C LEU A 83 -0.39 12.60 8.00
N ASP A 84 -1.68 12.30 8.16
CA ASP A 84 -2.18 10.98 7.73
C ASP A 84 -2.31 10.98 6.23
N SER A 85 -2.52 12.15 5.62
CA SER A 85 -2.57 12.20 4.18
C SER A 85 -1.22 11.80 3.61
N ILE A 86 -0.16 12.25 4.29
CA ILE A 86 1.20 11.97 3.86
C ILE A 86 1.58 10.53 4.18
N GLN A 87 1.16 10.08 5.32
CA GLN A 87 1.51 8.74 5.79
C GLN A 87 0.73 7.62 5.11
N GLY A 88 -0.35 7.97 4.44
CA GLY A 88 -1.13 6.96 3.73
C GLY A 88 -0.30 6.50 2.52
N ARG A 89 0.24 7.44 1.73
CA ARG A 89 1.00 7.08 0.57
C ARG A 89 2.50 6.96 0.75
N SER A 90 3.07 7.82 1.59
CA SER A 90 4.54 7.84 1.72
C SER A 90 5.35 6.59 1.93
N PRO A 91 4.98 5.85 2.95
CA PRO A 91 5.70 4.61 3.25
C PRO A 91 5.71 3.70 2.02
N ASN A 92 4.58 3.68 1.31
CA ASN A 92 4.50 2.84 0.12
C ASN A 92 5.32 3.41 -1.02
N VAL A 93 5.21 4.68 -1.26
CA VAL A 93 5.97 5.18 -2.37
C VAL A 93 7.45 5.29 -2.10
N ALA A 94 7.83 5.60 -0.88
CA ALA A 94 9.25 5.75 -0.58
C ALA A 94 10.00 4.49 -0.19
N LEU A 95 9.36 3.64 0.60
CA LEU A 95 10.00 2.43 1.08
C LEU A 95 9.88 1.19 0.30
N LEU A 96 8.64 0.92 -0.17
CA LEU A 96 8.39 -0.31 -0.91
C LEU A 96 9.47 -0.68 -1.91
N PRO A 97 9.89 0.28 -2.68
CA PRO A 97 10.87 0.05 -3.69
C PRO A 97 12.26 -0.29 -3.18
N LEU A 98 12.48 -0.18 -1.86
CA LEU A 98 13.82 -0.48 -1.35
C LEU A 98 13.87 -1.63 -0.37
N ILE A 99 12.73 -2.24 -0.06
CA ILE A 99 12.72 -3.34 0.90
C ILE A 99 13.11 -4.67 0.28
N SER A 100 13.85 -5.48 1.02
CA SER A 100 14.37 -6.73 0.56
C SER A 100 14.04 -7.95 1.37
N ILE A 101 13.14 -7.84 2.32
CA ILE A 101 12.66 -8.96 3.13
C ILE A 101 11.14 -8.89 3.17
N PRO A 102 10.45 -10.02 2.94
CA PRO A 102 8.98 -10.03 2.89
C PRO A 102 8.24 -9.52 4.14
N GLU A 103 8.69 -9.90 5.33
CA GLU A 103 7.96 -9.48 6.51
C GLU A 103 7.96 -7.98 6.60
N LEU A 104 9.07 -7.35 6.17
CA LEU A 104 9.13 -5.87 6.22
C LEU A 104 8.32 -5.26 5.12
N GLU A 105 8.35 -5.91 3.95
CA GLU A 105 7.58 -5.41 2.83
C GLU A 105 6.10 -5.37 3.21
N THR A 106 5.57 -6.47 3.72
CA THR A 106 4.16 -6.49 4.09
C THR A 106 3.82 -5.52 5.27
N TRP A 107 4.74 -5.41 6.26
CA TRP A 107 4.50 -4.48 7.41
C TRP A 107 4.32 -3.06 6.85
N VAL A 108 5.20 -2.67 5.94
CA VAL A 108 5.07 -1.34 5.39
C VAL A 108 3.73 -1.11 4.76
N GLU A 109 3.24 -2.11 4.03
CA GLU A 109 1.95 -2.01 3.35
C GLU A 109 0.76 -2.00 4.26
N THR A 110 0.90 -2.65 5.38
CA THR A 110 -0.20 -2.76 6.36
C THR A 110 -0.27 -1.45 7.12
N TRP A 111 0.93 -0.95 7.38
CA TRP A 111 1.11 0.28 8.08
C TRP A 111 0.50 1.37 7.28
N ALA A 112 0.90 1.47 6.04
CA ALA A 112 0.37 2.53 5.18
C ALA A 112 -1.13 2.38 5.12
N PHE A 113 -1.60 1.15 4.90
CA PHE A 113 -3.04 0.95 4.84
C PHE A 113 -3.70 1.48 6.12
N SER A 114 -3.11 1.13 7.26
CA SER A 114 -3.66 1.57 8.55
C SER A 114 -3.84 3.07 8.59
N GLU A 115 -2.93 3.80 7.94
CA GLU A 115 -3.00 5.26 7.88
C GLU A 115 -4.17 5.77 7.02
N THR A 116 -4.47 5.07 5.88
CA THR A 116 -5.59 5.51 5.03
C THR A 116 -6.85 5.45 5.87
N ILE A 117 -6.89 4.50 6.76
CA ILE A 117 -8.02 4.36 7.67
C ILE A 117 -8.05 5.59 8.59
N HIS A 118 -6.87 6.01 9.10
CA HIS A 118 -6.79 7.22 9.96
C HIS A 118 -7.37 8.40 9.15
N SER A 119 -6.96 8.49 7.91
CA SER A 119 -7.52 9.55 7.14
C SER A 119 -9.04 9.45 6.97
N ARG A 120 -9.55 8.24 6.74
CA ARG A 120 -10.98 8.10 6.52
C ARG A 120 -11.67 8.53 7.80
N SER A 121 -11.07 8.24 8.94
CA SER A 121 -11.73 8.68 10.19
C SER A 121 -11.83 10.21 10.29
N PHE A 122 -10.78 10.91 9.87
CA PHE A 122 -10.85 12.38 9.95
C PHE A 122 -11.96 12.98 9.08
N THR A 123 -12.14 12.40 7.90
CA THR A 123 -13.19 12.85 7.01
C THR A 123 -14.50 12.60 7.76
N HIS A 124 -14.62 11.41 8.36
CA HIS A 124 -15.81 11.08 9.10
C HIS A 124 -16.08 12.14 10.17
N ILE A 125 -15.05 12.48 10.92
CA ILE A 125 -15.23 13.50 11.95
C ILE A 125 -15.56 14.81 11.28
N ILE A 126 -14.75 15.23 10.33
CA ILE A 126 -15.00 16.49 9.71
C ILE A 126 -16.37 16.62 9.19
N ARG A 127 -16.71 15.82 8.22
CA ARG A 127 -18.05 15.86 7.64
C ARG A 127 -19.19 15.91 8.66
N ASN A 128 -18.93 15.47 9.87
CA ASN A 128 -20.01 15.47 10.80
C ASN A 128 -19.98 16.61 11.75
N ILE A 129 -19.02 17.49 11.65
CA ILE A 129 -19.02 18.58 12.62
C ILE A 129 -19.08 19.97 12.01
N VAL A 130 -18.87 20.04 10.72
CA VAL A 130 -18.90 21.32 10.02
C VAL A 130 -19.92 21.23 8.90
N ASN A 131 -20.36 22.35 8.36
CA ASN A 131 -21.33 22.32 7.26
C ASN A 131 -20.75 22.09 5.87
N ASP A 132 -19.47 22.42 5.72
CA ASP A 132 -18.78 22.21 4.46
C ASP A 132 -17.33 21.80 4.67
N PRO A 133 -17.07 20.52 4.61
CA PRO A 133 -15.73 20.02 4.85
C PRO A 133 -14.67 20.66 3.98
N SER A 134 -15.10 21.23 2.86
CA SER A 134 -14.18 21.85 1.90
C SER A 134 -13.34 22.97 2.45
N VAL A 135 -13.89 23.60 3.46
CA VAL A 135 -13.20 24.70 4.08
C VAL A 135 -12.02 24.14 4.88
N VAL A 136 -12.31 23.13 5.65
CA VAL A 136 -11.28 22.47 6.39
C VAL A 136 -10.19 21.95 5.43
N PHE A 137 -10.56 20.97 4.57
CA PHE A 137 -9.64 20.36 3.59
C PHE A 137 -8.95 21.35 2.72
N ASP A 138 -9.65 22.32 2.22
CA ASP A 138 -8.97 23.30 1.42
C ASP A 138 -7.95 23.97 2.28
N ASP A 139 -8.35 24.30 3.52
CA ASP A 139 -7.37 24.96 4.41
C ASP A 139 -6.07 24.20 4.74
N ILE A 140 -6.15 22.87 4.74
CA ILE A 140 -5.03 22.03 5.06
C ILE A 140 -3.89 22.30 4.11
N VAL A 141 -4.24 22.42 2.83
CA VAL A 141 -3.21 22.66 1.86
C VAL A 141 -2.49 24.00 1.96
N THR A 142 -3.27 25.06 2.12
CA THR A 142 -2.74 26.43 2.14
C THR A 142 -2.30 27.04 3.47
N ASN A 143 -2.78 26.51 4.58
CA ASN A 143 -2.47 27.03 5.90
C ASN A 143 -0.98 27.07 6.17
N GLU A 144 -0.42 28.25 6.03
CA GLU A 144 1.00 28.47 6.23
C GLU A 144 1.55 28.02 7.59
N GLN A 145 0.74 28.20 8.62
CA GLN A 145 1.11 27.84 9.96
C GLN A 145 1.25 26.36 9.98
N ILE A 146 0.28 25.67 9.41
CA ILE A 146 0.31 24.23 9.33
C ILE A 146 1.51 23.73 8.53
N GLN A 147 1.70 24.27 7.32
CA GLN A 147 2.82 23.84 6.49
C GLN A 147 4.16 24.12 7.18
N LYS A 148 4.20 25.23 7.94
CA LYS A 148 5.37 25.63 8.64
C LYS A 148 5.68 24.55 9.64
N ARG A 149 4.66 24.10 10.35
CA ARG A 149 4.90 23.04 11.32
C ARG A 149 5.32 21.71 10.68
N ALA A 150 4.74 21.40 9.48
CA ALA A 150 5.05 20.14 8.80
C ALA A 150 6.30 20.22 7.96
N GLU A 151 6.83 21.43 7.84
CA GLU A 151 8.01 21.64 7.02
C GLU A 151 9.09 20.60 7.10
N GLY A 152 9.50 20.13 5.91
CA GLY A 152 10.52 19.09 5.80
C GLY A 152 10.04 17.61 5.80
N ILE A 153 8.72 17.34 5.97
CA ILE A 153 8.25 15.94 5.92
C ILE A 153 8.20 15.47 4.44
N SER A 154 7.36 16.12 3.63
CA SER A 154 7.27 15.73 2.23
C SER A 154 8.63 15.80 1.53
N SER A 155 9.51 16.74 1.96
CA SER A 155 10.85 16.91 1.36
C SER A 155 11.77 15.73 1.58
N TYR A 156 11.82 15.15 2.78
CA TYR A 156 12.71 14.01 2.98
C TYR A 156 12.24 12.92 2.03
N TYR A 157 10.95 12.61 2.18
CA TYR A 157 10.35 11.58 1.36
C TYR A 157 10.63 11.85 -0.12
N ASP A 158 10.29 13.04 -0.61
CA ASP A 158 10.52 13.39 -2.01
C ASP A 158 11.96 13.23 -2.44
N GLU A 159 12.89 13.59 -1.54
CA GLU A 159 14.31 13.49 -1.88
C GLU A 159 14.74 12.05 -2.02
N LEU A 160 14.39 11.27 -1.03
CA LEU A 160 14.70 9.83 -1.00
C LEU A 160 14.17 9.15 -2.30
N ILE A 161 12.91 9.51 -2.63
CA ILE A 161 12.18 8.97 -3.80
C ILE A 161 12.95 9.26 -5.09
N GLU A 162 13.34 10.53 -5.19
CA GLU A 162 14.08 10.88 -6.35
C GLU A 162 15.43 10.18 -6.48
N MET A 163 16.22 10.13 -5.42
CA MET A 163 17.50 9.45 -5.53
C MET A 163 17.26 8.01 -5.85
N THR A 164 16.17 7.48 -5.30
CA THR A 164 15.87 6.08 -5.53
C THR A 164 15.69 5.81 -7.00
N SER A 165 14.98 6.71 -7.64
CA SER A 165 14.75 6.55 -9.06
C SER A 165 16.08 6.51 -9.76
N TYR A 166 16.92 7.54 -9.57
CA TYR A 166 18.24 7.55 -10.22
C TYR A 166 18.96 6.26 -10.01
N TRP A 167 18.90 5.80 -8.78
CA TRP A 167 19.59 4.58 -8.43
C TRP A 167 19.11 3.40 -9.25
N HIS A 168 17.79 3.26 -9.29
CA HIS A 168 17.17 2.18 -10.04
C HIS A 168 17.44 2.35 -11.54
N LEU A 169 17.40 3.58 -12.07
CA LEU A 169 17.63 3.74 -13.48
C LEU A 169 19.09 3.62 -13.90
N LEU A 170 19.93 4.40 -13.24
CA LEU A 170 21.32 4.47 -13.60
C LEU A 170 22.29 3.53 -12.90
N GLY A 171 21.97 3.16 -11.67
CA GLY A 171 22.84 2.34 -10.89
C GLY A 171 23.95 3.27 -10.31
N GLU A 172 24.75 2.75 -9.40
CA GLU A 172 25.82 3.50 -8.80
C GLU A 172 26.88 3.95 -9.78
N GLY A 173 27.45 5.14 -9.53
CA GLY A 173 28.51 5.62 -10.39
C GLY A 173 28.31 7.08 -10.68
N THR A 174 29.19 7.63 -11.51
CA THR A 174 29.07 9.02 -11.90
C THR A 174 28.62 9.00 -13.35
N HIS A 175 27.54 9.66 -13.58
CA HIS A 175 26.97 9.63 -14.90
C HIS A 175 26.82 11.01 -15.48
N THR A 176 26.41 11.01 -16.74
CA THR A 176 26.17 12.21 -17.50
C THR A 176 24.74 12.17 -18.04
N VAL A 177 23.90 13.01 -17.48
CA VAL A 177 22.50 13.15 -17.88
C VAL A 177 22.27 14.56 -18.45
N ASN A 178 21.82 14.62 -19.70
CA ASN A 178 21.59 15.91 -20.32
C ASN A 178 22.79 16.83 -20.16
N GLY A 179 23.94 16.28 -20.37
CA GLY A 179 25.13 17.08 -20.26
C GLY A 179 25.49 17.54 -18.86
N LYS A 180 24.97 16.92 -17.81
CA LYS A 180 25.34 17.35 -16.47
C LYS A 180 25.79 16.12 -15.73
N THR A 181 26.72 16.24 -14.83
CA THR A 181 27.19 15.09 -14.14
C THR A 181 26.27 14.73 -12.99
N VAL A 182 25.83 13.47 -12.95
CA VAL A 182 24.98 13.04 -11.86
C VAL A 182 25.63 11.88 -11.15
N THR A 183 25.79 12.02 -9.86
CA THR A 183 26.41 10.95 -9.10
C THR A 183 25.38 10.14 -8.35
N VAL A 184 25.57 8.85 -8.40
CA VAL A 184 24.72 7.90 -7.73
C VAL A 184 25.59 7.01 -6.87
N SER A 185 25.55 7.32 -5.55
CA SER A 185 26.28 6.63 -4.50
C SER A 185 25.26 5.84 -3.71
N LEU A 186 25.51 4.55 -3.49
CA LEU A 186 24.54 3.81 -2.72
C LEU A 186 24.60 4.15 -1.23
N ARG A 187 25.81 4.46 -0.76
CA ARG A 187 26.05 4.83 0.59
C ARG A 187 25.28 6.08 0.92
N GLU A 188 25.33 7.03 -0.03
CA GLU A 188 24.62 8.31 0.08
C GLU A 188 23.08 8.07 0.08
N LEU A 189 22.62 7.09 -0.69
CA LEU A 189 21.18 6.74 -0.75
C LEU A 189 20.76 6.12 0.58
N LYS A 190 21.65 5.31 1.11
CA LYS A 190 21.43 4.66 2.38
C LYS A 190 21.31 5.70 3.44
N LYS A 191 22.06 6.81 3.34
CA LYS A 191 21.94 7.84 4.38
C LYS A 191 20.59 8.52 4.27
N LYS A 192 20.19 8.79 3.03
CA LYS A 192 18.88 9.43 2.81
C LYS A 192 17.82 8.51 3.43
N LEU A 193 17.93 7.20 3.15
CA LEU A 193 16.98 6.28 3.69
C LEU A 193 16.94 6.34 5.20
N TYR A 194 18.11 6.18 5.79
CA TYR A 194 18.25 6.18 7.26
C TYR A 194 17.68 7.41 7.95
N LEU A 195 17.98 8.58 7.44
CA LEU A 195 17.48 9.82 8.02
C LEU A 195 15.99 10.02 7.79
N CYS A 196 15.51 9.44 6.69
CA CYS A 196 14.09 9.53 6.37
C CYS A 196 13.33 8.77 7.46
N LEU A 197 13.84 7.60 7.80
CA LEU A 197 13.23 6.75 8.82
C LEU A 197 13.26 7.43 10.19
N MET A 198 14.43 7.98 10.49
CA MET A 198 14.58 8.70 11.77
C MET A 198 13.53 9.78 11.80
N SER A 199 13.30 10.44 10.64
CA SER A 199 12.29 11.52 10.62
C SER A 199 10.87 10.99 10.78
N VAL A 200 10.62 9.81 10.20
CA VAL A 200 9.28 9.23 10.30
C VAL A 200 9.09 8.83 11.76
N ASN A 201 10.18 8.37 12.33
CA ASN A 201 10.12 7.97 13.75
C ASN A 201 9.72 9.19 14.59
N ALA A 202 10.23 10.36 14.22
CA ALA A 202 9.88 11.56 14.98
C ALA A 202 8.45 11.94 14.73
N LEU A 203 8.02 11.72 13.49
CA LEU A 203 6.70 12.04 13.07
C LEU A 203 5.71 11.20 13.84
N GLU A 204 5.88 9.86 13.80
CA GLU A 204 4.97 8.92 14.53
C GLU A 204 5.04 9.06 16.08
N ALA A 205 6.27 9.25 16.56
CA ALA A 205 6.51 9.33 17.97
C ALA A 205 6.32 10.61 18.73
N ILE A 206 6.38 11.73 18.04
CA ILE A 206 6.28 12.99 18.73
C ILE A 206 5.28 13.87 18.12
N ARG A 207 5.33 14.10 16.84
CA ARG A 207 4.34 14.99 16.29
C ARG A 207 2.92 14.51 16.55
N PHE A 208 2.65 13.23 16.30
CA PHE A 208 1.30 12.76 16.56
C PHE A 208 0.88 12.83 18.04
N TYR A 209 1.81 12.51 18.98
CA TYR A 209 1.46 12.50 20.43
C TYR A 209 1.05 13.90 20.99
N VAL A 210 1.71 14.94 20.50
CA VAL A 210 1.38 16.26 20.91
C VAL A 210 -0.02 16.50 20.39
N SER A 211 -0.26 16.06 19.13
CA SER A 211 -1.57 16.21 18.57
C SER A 211 -2.57 15.42 19.42
N PHE A 212 -2.19 14.25 19.89
CA PHE A 212 -3.14 13.51 20.72
C PHE A 212 -3.52 14.24 22.01
N ALA A 213 -2.50 14.91 22.60
CA ALA A 213 -2.70 15.61 23.87
C ALA A 213 -3.70 16.68 23.67
N CYS A 214 -3.56 17.42 22.58
CA CYS A 214 -4.51 18.48 22.30
C CYS A 214 -5.96 17.92 22.19
N SER A 215 -6.10 16.80 21.42
CA SER A 215 -7.39 16.13 21.22
C SER A 215 -7.94 15.70 22.53
N PHE A 216 -7.11 15.03 23.27
CA PHE A 216 -7.58 14.54 24.53
C PHE A 216 -7.94 15.56 25.59
N ALA A 217 -7.46 16.80 25.43
CA ALA A 217 -7.79 17.80 26.43
C ALA A 217 -9.29 17.96 26.45
N PHE A 218 -9.89 17.94 25.25
CA PHE A 218 -11.31 18.08 25.11
C PHE A 218 -12.05 16.91 25.71
N ALA A 219 -11.55 15.71 25.47
CA ALA A 219 -12.21 14.53 26.01
C ALA A 219 -12.34 14.61 27.49
N GLU A 220 -11.32 15.13 28.11
CA GLU A 220 -11.26 15.30 29.57
C GLU A 220 -12.35 16.22 30.05
N ARG A 221 -12.81 17.10 29.16
CA ARG A 221 -13.89 18.04 29.44
C ARG A 221 -15.23 17.45 29.08
N GLU A 222 -15.22 16.15 28.76
CA GLU A 222 -16.42 15.42 28.40
C GLU A 222 -17.00 15.90 27.07
N LEU A 223 -16.17 16.64 26.35
CA LEU A 223 -16.57 17.14 25.05
C LEU A 223 -15.96 16.27 23.95
N MET A 224 -16.56 16.32 22.77
CA MET A 224 -16.09 15.59 21.60
C MET A 224 -15.78 14.16 21.90
N GLU A 225 -16.77 13.40 22.27
CA GLU A 225 -16.54 12.01 22.60
C GLU A 225 -16.31 11.10 21.38
N GLY A 226 -16.84 11.46 20.22
CA GLY A 226 -16.65 10.66 19.03
C GLY A 226 -15.17 10.74 18.61
N ASN A 227 -14.70 11.96 18.49
CA ASN A 227 -13.31 12.24 18.12
C ASN A 227 -12.38 11.45 19.04
N ALA A 228 -12.65 11.63 20.34
CA ALA A 228 -11.87 10.97 21.34
C ALA A 228 -11.77 9.47 21.08
N LYS A 229 -12.89 8.84 20.77
CA LYS A 229 -12.92 7.41 20.52
C LYS A 229 -11.97 7.05 19.40
N ILE A 230 -12.06 7.84 18.37
CA ILE A 230 -11.24 7.67 17.20
C ILE A 230 -9.76 7.91 17.54
N ILE A 231 -9.51 8.95 18.33
CA ILE A 231 -8.12 9.25 18.68
C ILE A 231 -7.49 8.14 19.44
N ARG A 232 -8.27 7.51 20.28
CA ARG A 232 -7.71 6.42 21.03
C ARG A 232 -7.35 5.23 20.09
N LEU A 233 -8.23 4.93 19.13
CA LEU A 233 -7.97 3.82 18.21
C LEU A 233 -6.67 4.15 17.45
N ILE A 234 -6.58 5.43 17.00
CA ILE A 234 -5.43 5.91 16.27
C ILE A 234 -4.19 5.81 17.12
N ALA A 235 -4.25 6.34 18.34
CA ALA A 235 -3.06 6.26 19.22
C ALA A 235 -2.60 4.83 19.33
N ARG A 236 -3.59 3.91 19.41
CA ARG A 236 -3.27 2.50 19.49
C ARG A 236 -2.48 2.04 18.26
N ASP A 237 -2.73 2.63 17.08
CA ASP A 237 -2.01 2.26 15.88
C ASP A 237 -0.66 2.90 15.90
N ALA A 238 -0.64 4.17 16.23
CA ALA A 238 0.60 4.92 16.31
C ALA A 238 1.62 4.21 17.19
N ALA A 239 1.17 3.64 18.31
CA ALA A 239 2.13 2.90 19.15
C ALA A 239 2.78 1.76 18.35
N LEU A 240 2.05 1.09 17.45
CA LEU A 240 2.68 0.02 16.68
C LEU A 240 3.61 0.61 15.62
N HIS A 241 3.21 1.73 15.06
CA HIS A 241 4.04 2.33 14.02
C HIS A 241 5.43 2.72 14.55
N LEU A 242 5.48 3.43 15.70
CA LEU A 242 6.76 3.85 16.21
C LEU A 242 7.54 2.65 16.69
N THR A 243 6.83 1.62 17.11
CA THR A 243 7.57 0.43 17.52
C THR A 243 8.24 -0.03 16.28
N GLY A 244 7.52 0.00 15.19
CA GLY A 244 8.12 -0.41 13.96
C GLY A 244 9.36 0.44 13.58
N THR A 245 9.28 1.78 13.64
CA THR A 245 10.47 2.60 13.25
C THR A 245 11.63 2.45 14.26
N GLN A 246 11.27 2.35 15.53
CA GLN A 246 12.34 2.17 16.54
C GLN A 246 13.07 0.91 16.27
N HIS A 247 12.33 -0.14 15.97
CA HIS A 247 13.01 -1.41 15.67
C HIS A 247 13.87 -1.39 14.42
N MET A 248 13.38 -0.77 13.37
CA MET A 248 14.14 -0.71 12.16
C MET A 248 15.47 0.03 12.52
N LEU A 249 15.33 1.19 13.09
CA LEU A 249 16.49 1.98 13.40
C LEU A 249 17.44 1.30 14.33
N ASN A 250 16.92 0.71 15.37
CA ASN A 250 17.79 0.03 16.30
C ASN A 250 18.42 -1.18 15.68
N LEU A 251 17.67 -1.94 14.89
CA LEU A 251 18.29 -3.10 14.26
C LEU A 251 19.38 -2.62 13.34
N LEU A 252 19.14 -1.55 12.62
CA LEU A 252 20.19 -1.06 11.72
C LEU A 252 21.46 -0.67 12.49
N ARG A 253 21.32 0.07 13.58
CA ARG A 253 22.50 0.47 14.34
C ARG A 253 23.31 -0.72 14.90
N SER A 254 22.61 -1.77 15.30
CA SER A 254 23.22 -2.89 15.88
C SER A 254 24.28 -3.51 15.07
N GLY A 255 24.30 -3.27 13.78
CA GLY A 255 25.30 -3.92 12.97
C GLY A 255 24.84 -5.34 12.60
N ALA A 256 23.73 -5.79 13.20
CA ALA A 256 23.15 -7.11 12.92
C ALA A 256 22.61 -7.27 11.48
N ASP A 257 22.31 -6.15 10.85
CA ASP A 257 21.83 -6.15 9.49
C ASP A 257 22.96 -5.74 8.53
N ASP A 258 22.73 -4.79 7.64
CA ASP A 258 23.79 -4.31 6.71
C ASP A 258 24.89 -3.55 7.50
N PRO A 259 26.11 -4.05 7.57
CA PRO A 259 27.18 -3.37 8.30
C PRO A 259 27.33 -1.93 7.84
N GLU A 260 27.18 -1.66 6.56
CA GLU A 260 27.28 -0.28 6.11
C GLU A 260 26.25 0.57 6.83
N MET A 261 25.07 0.01 7.12
CA MET A 261 24.07 0.79 7.82
C MET A 261 24.44 1.21 9.25
N ALA A 262 25.15 0.35 9.94
CA ALA A 262 25.57 0.65 11.30
C ALA A 262 26.63 1.78 11.27
N GLU A 263 27.50 1.80 10.27
CA GLU A 263 28.48 2.85 10.20
C GLU A 263 27.78 4.13 9.95
N ILE A 264 26.79 4.06 9.07
CA ILE A 264 26.03 5.28 8.74
C ILE A 264 25.33 5.87 9.96
N ALA A 265 24.70 5.03 10.75
CA ALA A 265 23.99 5.47 11.93
C ALA A 265 24.95 6.20 12.88
N GLU A 266 26.13 5.63 13.05
CA GLU A 266 27.14 6.19 13.90
C GLU A 266 27.58 7.48 13.28
N GLU A 267 28.04 7.41 12.05
CA GLU A 267 28.47 8.61 11.33
C GLU A 267 27.43 9.72 11.32
N CYS A 268 26.15 9.38 11.21
CA CYS A 268 25.11 10.42 11.14
C CYS A 268 24.42 10.86 12.44
N LYS A 269 24.83 10.37 13.62
CA LYS A 269 24.24 10.70 14.95
C LYS A 269 23.91 12.17 15.21
N GLN A 270 24.70 13.08 14.70
CA GLN A 270 24.42 14.52 14.92
C GLN A 270 23.25 14.96 14.10
N GLU A 271 23.18 14.43 12.88
CA GLU A 271 22.03 14.72 12.01
C GLU A 271 20.78 14.20 12.68
N CYS A 272 20.86 12.96 13.20
CA CYS A 272 19.76 12.36 13.90
C CYS A 272 19.29 13.33 14.99
N TYR A 273 20.26 13.68 15.86
CA TYR A 273 19.98 14.63 16.96
C TYR A 273 19.40 15.92 16.44
N ASP A 274 20.04 16.52 15.45
CA ASP A 274 19.52 17.82 14.94
C ASP A 274 18.09 17.75 14.41
N LEU A 275 17.72 16.64 13.80
CA LEU A 275 16.34 16.61 13.27
C LEU A 275 15.25 16.55 14.35
N PHE A 276 15.51 15.81 15.44
CA PHE A 276 14.57 15.73 16.53
C PHE A 276 14.47 17.12 17.16
N VAL A 277 15.62 17.78 17.33
CA VAL A 277 15.65 19.13 17.92
C VAL A 277 14.86 20.04 17.04
N GLN A 278 15.01 19.90 15.75
CA GLN A 278 14.23 20.78 14.86
C GLN A 278 12.74 20.45 14.82
N ALA A 279 12.38 19.18 14.95
CA ALA A 279 10.96 18.82 14.93
C ALA A 279 10.32 19.32 16.23
N ALA A 280 11.03 19.09 17.35
CA ALA A 280 10.53 19.55 18.63
C ALA A 280 10.22 21.05 18.56
N GLN A 281 11.15 21.84 18.06
CA GLN A 281 10.93 23.27 17.97
C GLN A 281 9.74 23.70 17.10
N GLN A 282 9.48 22.95 16.00
CA GLN A 282 8.34 23.24 15.11
C GLN A 282 7.06 22.99 15.92
N GLU A 283 7.05 21.87 16.66
CA GLU A 283 5.88 21.56 17.46
C GLU A 283 5.66 22.69 18.48
N LYS A 284 6.79 23.27 18.97
CA LYS A 284 6.75 24.35 19.95
C LYS A 284 6.28 25.58 19.26
N ASP A 285 6.85 25.91 18.12
CA ASP A 285 6.40 27.12 17.42
C ASP A 285 4.90 27.16 17.08
N TRP A 286 4.29 25.98 16.80
CA TRP A 286 2.88 25.89 16.48
C TRP A 286 1.97 26.49 17.53
N ALA A 287 2.40 26.43 18.79
CA ALA A 287 1.60 26.97 19.89
C ALA A 287 1.12 28.38 19.66
N ASP A 288 1.97 29.20 19.07
CA ASP A 288 1.59 30.57 18.81
C ASP A 288 0.36 30.66 17.90
N TYR A 289 0.26 29.78 16.91
CA TYR A 289 -0.91 29.77 16.05
C TYR A 289 -2.08 29.09 16.81
N LEU A 290 -1.77 27.93 17.41
CA LEU A 290 -2.76 27.19 18.14
C LEU A 290 -3.51 28.06 19.14
N PHE A 291 -2.77 28.85 19.90
CA PHE A 291 -3.36 29.69 20.92
C PHE A 291 -3.62 31.15 20.59
N ARG A 292 -3.59 31.46 19.31
CA ARG A 292 -3.85 32.78 18.77
C ARG A 292 -5.02 33.51 19.45
N ASP A 293 -6.17 32.85 19.55
CA ASP A 293 -7.37 33.45 20.13
C ASP A 293 -7.62 33.18 21.59
N GLY A 294 -6.63 32.62 22.25
CA GLY A 294 -6.80 32.31 23.63
C GLY A 294 -6.57 30.84 23.91
N SER A 295 -6.29 30.55 25.17
CA SER A 295 -6.05 29.20 25.56
C SER A 295 -7.17 28.60 26.38
N MET A 296 -6.95 27.41 26.88
CA MET A 296 -7.98 26.77 27.63
C MET A 296 -7.42 26.40 28.93
N ILE A 297 -8.34 26.14 29.83
CA ILE A 297 -7.88 25.73 31.12
C ILE A 297 -7.08 24.42 30.90
N GLY A 298 -5.92 24.35 31.49
CA GLY A 298 -5.06 23.16 31.36
C GLY A 298 -4.36 22.94 29.99
N LEU A 299 -4.62 23.78 29.00
CA LEU A 299 -3.93 23.53 27.76
C LEU A 299 -3.49 24.87 27.20
N ASN A 300 -2.20 25.10 27.28
CA ASN A 300 -1.65 26.36 26.79
C ASN A 300 -0.24 26.17 26.25
N LYS A 301 0.35 27.24 25.72
CA LYS A 301 1.68 27.17 25.16
C LYS A 301 2.69 26.58 26.04
N ASP A 302 2.63 26.96 27.27
CA ASP A 302 3.58 26.47 28.22
C ASP A 302 3.52 24.97 28.41
N ILE A 303 2.29 24.48 28.65
CA ILE A 303 2.00 23.08 28.88
C ILE A 303 2.44 22.33 27.65
N LEU A 304 2.04 22.83 26.51
CA LEU A 304 2.39 22.29 25.27
C LEU A 304 3.91 22.13 25.16
N CYS A 305 4.65 23.23 25.34
CA CYS A 305 6.12 23.16 25.27
C CYS A 305 6.70 22.18 26.26
N GLN A 306 6.24 22.20 27.48
CA GLN A 306 6.76 21.25 28.41
C GLN A 306 6.46 19.81 27.93
N TYR A 307 5.27 19.60 27.31
CA TYR A 307 4.95 18.21 26.89
C TYR A 307 5.92 17.77 25.78
N VAL A 308 6.15 18.68 24.85
CA VAL A 308 7.07 18.42 23.76
C VAL A 308 8.42 17.96 24.25
N GLU A 309 9.01 18.70 25.21
CA GLU A 309 10.35 18.29 25.69
C GLU A 309 10.28 17.00 26.40
N TYR A 310 9.25 16.84 27.17
CA TYR A 310 9.06 15.61 27.94
C TYR A 310 9.07 14.39 27.01
N ILE A 311 8.22 14.43 26.00
CA ILE A 311 8.10 13.31 25.08
C ILE A 311 9.28 13.12 24.13
N THR A 312 9.84 14.22 23.61
CA THR A 312 10.98 14.11 22.74
C THR A 312 12.10 13.39 23.45
N ASN A 313 12.33 13.76 24.70
CA ASN A 313 13.39 13.08 25.45
C ASN A 313 13.12 11.57 25.52
N ILE A 314 11.87 11.20 25.81
CA ILE A 314 11.57 9.75 25.87
C ILE A 314 11.95 9.10 24.51
N ARG A 315 11.48 9.69 23.43
CA ARG A 315 11.74 9.14 22.13
C ARG A 315 13.19 9.00 21.78
N MET A 316 13.93 10.13 21.86
CA MET A 316 15.36 10.08 21.55
C MET A 316 16.08 9.01 22.36
N GLN A 317 15.79 8.88 23.63
CA GLN A 317 16.52 7.86 24.35
C GLN A 317 16.15 6.48 23.77
N ALA A 318 14.91 6.34 23.27
CA ALA A 318 14.43 5.03 22.72
C ALA A 318 15.28 4.55 21.55
N VAL A 319 15.92 5.49 20.85
CA VAL A 319 16.80 5.14 19.73
C VAL A 319 18.31 5.43 19.98
N GLY A 320 18.72 5.56 21.29
CA GLY A 320 20.11 5.81 21.71
C GLY A 320 20.66 7.25 21.52
N LEU A 321 19.81 8.28 21.55
CA LEU A 321 20.34 9.62 21.32
C LEU A 321 20.47 10.27 22.68
N ASP A 322 21.30 11.32 22.77
CA ASP A 322 21.51 12.07 24.01
C ASP A 322 20.24 12.90 24.14
N LEU A 323 19.85 13.27 25.34
CA LEU A 323 18.65 14.07 25.55
C LEU A 323 18.97 15.55 25.53
N PRO A 324 18.29 16.30 24.71
CA PRO A 324 18.54 17.73 24.58
C PRO A 324 17.89 18.52 25.67
N PHE A 325 16.76 18.05 26.16
CA PHE A 325 16.07 18.81 27.18
C PHE A 325 16.25 18.41 28.63
N GLN A 326 15.94 19.38 29.47
CA GLN A 326 16.00 19.21 30.89
C GLN A 326 14.99 18.12 31.25
N THR A 327 15.39 17.20 32.12
CA THR A 327 14.49 16.14 32.51
C THR A 327 13.35 16.69 33.34
N ARG A 328 12.21 16.00 33.26
CA ARG A 328 10.97 16.36 33.97
C ARG A 328 10.00 15.21 33.95
N SER A 329 9.02 15.28 34.83
CA SER A 329 8.04 14.25 34.86
C SER A 329 6.96 14.74 33.91
N ASN A 330 6.03 13.85 33.54
CA ASN A 330 4.96 14.19 32.62
C ASN A 330 4.14 15.41 33.00
N PRO A 331 4.11 16.45 32.22
CA PRO A 331 3.32 17.59 32.62
C PRO A 331 1.82 17.31 32.51
N ILE A 332 1.46 16.17 31.87
CA ILE A 332 0.03 15.84 31.68
C ILE A 332 -0.27 14.39 31.86
N PRO A 333 0.07 13.94 33.01
CA PRO A 333 -0.15 12.58 33.42
C PRO A 333 -1.58 12.11 33.11
N TRP A 334 -2.54 13.02 33.01
CA TRP A 334 -3.89 12.59 32.69
C TRP A 334 -4.05 12.02 31.27
N ILE A 335 -3.08 12.27 30.39
CA ILE A 335 -3.19 11.76 29.05
C ILE A 335 -3.05 10.25 29.08
N ASN A 336 -2.41 9.74 30.12
CA ASN A 336 -2.20 8.31 30.23
C ASN A 336 -3.43 7.45 30.05
N THR A 337 -4.55 7.93 30.59
CA THR A 337 -5.85 7.25 30.51
C THR A 337 -6.28 6.90 29.09
N TRP A 338 -6.04 7.84 28.20
CA TRP A 338 -6.41 7.71 26.83
C TRP A 338 -5.42 6.96 25.99
N LEU A 339 -4.18 7.01 26.37
CA LEU A 339 -3.10 6.41 25.62
C LEU A 339 -2.86 4.93 25.84
N VAL A 340 -3.04 4.49 27.07
CA VAL A 340 -2.80 3.10 27.46
C VAL A 340 -1.61 2.37 26.77
N ALA B 1 10.04 14.99 -9.83
CA ALA B 1 8.84 15.78 -10.10
C ALA B 1 7.64 15.13 -9.38
N TYR B 2 7.93 14.08 -8.62
CA TYR B 2 6.88 13.41 -7.86
C TYR B 2 6.99 14.03 -6.45
N THR B 3 5.84 14.29 -5.80
CA THR B 3 5.87 14.86 -4.46
C THR B 3 4.84 14.19 -3.59
N THR B 4 5.23 13.91 -2.33
CA THR B 4 4.32 13.28 -1.38
C THR B 4 3.21 14.21 -0.89
N PHE B 5 3.32 15.50 -1.22
CA PHE B 5 2.34 16.55 -0.84
C PHE B 5 2.51 17.76 -1.72
N SER B 6 1.67 17.82 -2.76
CA SER B 6 1.67 18.92 -3.74
C SER B 6 1.12 20.08 -2.98
N GLN B 7 1.88 21.14 -2.93
CA GLN B 7 1.48 22.34 -2.17
C GLN B 7 0.52 23.24 -2.92
N THR B 8 0.17 22.90 -4.14
CA THR B 8 -0.72 23.72 -4.89
C THR B 8 -2.16 23.41 -4.55
N LYS B 9 -2.96 24.43 -4.39
CA LYS B 9 -4.36 24.21 -4.10
C LYS B 9 -5.00 23.75 -5.39
N ASN B 10 -5.74 22.66 -5.33
CA ASN B 10 -6.35 22.18 -6.55
C ASN B 10 -7.69 21.46 -6.32
N ASP B 11 -8.59 21.54 -7.30
CA ASP B 11 -9.89 20.87 -7.20
C ASP B 11 -9.62 19.44 -7.56
N GLN B 12 -9.73 18.55 -6.58
CA GLN B 12 -9.51 17.16 -6.79
C GLN B 12 -10.63 16.54 -7.61
N LEU B 13 -11.77 17.26 -7.78
CA LEU B 13 -12.84 16.72 -8.61
C LEU B 13 -12.51 16.89 -10.09
N LYS B 14 -11.66 17.83 -10.41
CA LYS B 14 -11.39 18.03 -11.81
C LYS B 14 -10.15 17.39 -12.32
N GLU B 15 -9.39 16.76 -11.44
CA GLU B 15 -8.18 16.13 -11.92
C GLU B 15 -8.52 14.87 -12.70
N PRO B 16 -7.58 14.40 -13.50
CA PRO B 16 -7.83 13.16 -14.23
C PRO B 16 -7.45 12.03 -13.31
N MET B 17 -7.82 10.78 -13.65
CA MET B 17 -7.45 9.66 -12.82
C MET B 17 -5.92 9.62 -12.66
N PHE B 18 -5.20 9.64 -13.80
CA PHE B 18 -3.76 9.59 -13.75
C PHE B 18 -3.12 10.81 -14.36
N PHE B 19 -1.79 10.94 -14.12
CA PHE B 19 -0.92 12.00 -14.65
C PHE B 19 -1.23 13.46 -14.34
N GLY B 20 -2.22 13.72 -13.46
CA GLY B 20 -2.53 15.09 -13.11
C GLY B 20 -1.62 15.46 -11.92
N GLN B 21 -2.08 16.38 -11.07
CA GLN B 21 -1.31 16.77 -9.89
C GLN B 21 -1.39 15.66 -8.87
N PRO B 22 -0.28 15.30 -8.26
CA PRO B 22 -0.27 14.22 -7.27
C PRO B 22 -1.21 14.68 -6.20
N VAL B 23 -1.86 13.74 -5.55
CA VAL B 23 -2.85 14.04 -4.54
C VAL B 23 -2.19 14.61 -3.30
N ASN B 24 -2.78 15.68 -2.78
CA ASN B 24 -2.25 16.22 -1.57
C ASN B 24 -3.17 15.73 -0.43
N VAL B 25 -4.27 16.44 -0.16
CA VAL B 25 -5.12 16.01 0.95
C VAL B 25 -5.90 14.75 0.64
N ALA B 26 -5.95 13.85 1.63
CA ALA B 26 -6.73 12.59 1.51
C ALA B 26 -8.09 12.78 2.16
N ARG B 27 -9.10 13.13 1.34
CA ARG B 27 -10.50 13.37 1.78
C ARG B 27 -11.43 12.33 1.16
N TYR B 28 -12.50 12.02 1.81
CA TYR B 28 -13.36 11.03 1.22
C TYR B 28 -14.80 11.47 1.27
N ASP B 29 -15.01 12.80 1.38
CA ASP B 29 -16.36 13.36 1.51
C ASP B 29 -16.89 13.64 0.13
N GLN B 30 -16.06 13.46 -0.87
CA GLN B 30 -16.47 13.74 -2.21
C GLN B 30 -15.58 12.98 -3.18
N GLN B 31 -16.10 12.74 -4.39
CA GLN B 31 -15.34 12.01 -5.36
C GLN B 31 -15.65 12.32 -6.82
N LYS B 32 -14.63 12.25 -7.65
CA LYS B 32 -14.90 12.47 -9.06
C LYS B 32 -15.69 11.23 -9.52
N TYR B 33 -15.28 10.03 -9.10
CA TYR B 33 -15.95 8.78 -9.48
C TYR B 33 -16.25 8.00 -8.24
N ASP B 34 -17.48 8.05 -7.79
CA ASP B 34 -17.76 7.33 -6.58
C ASP B 34 -17.54 5.85 -6.54
N ILE B 35 -17.44 5.23 -7.72
CA ILE B 35 -17.25 3.79 -7.75
C ILE B 35 -16.06 3.46 -6.88
N PHE B 36 -15.02 4.32 -6.96
CA PHE B 36 -13.84 4.03 -6.13
C PHE B 36 -14.06 4.08 -4.62
N GLU B 37 -14.90 5.02 -4.21
CA GLU B 37 -15.21 5.11 -2.80
C GLU B 37 -16.03 3.86 -2.44
N LYS B 38 -17.00 3.47 -3.32
CA LYS B 38 -17.81 2.25 -3.01
C LYS B 38 -16.97 1.03 -2.87
N LEU B 39 -15.96 0.95 -3.72
CA LEU B 39 -15.05 -0.18 -3.68
C LEU B 39 -14.31 -0.25 -2.32
N ILE B 40 -13.81 0.91 -1.85
CA ILE B 40 -13.12 0.93 -0.56
C ILE B 40 -14.07 0.49 0.52
N GLU B 41 -15.29 1.03 0.45
CA GLU B 41 -16.20 0.64 1.47
C GLU B 41 -16.48 -0.86 1.53
N LYS B 42 -16.74 -1.44 0.39
CA LYS B 42 -17.06 -2.86 0.33
C LYS B 42 -15.88 -3.74 0.72
N GLN B 43 -14.66 -3.35 0.30
CA GLN B 43 -13.50 -4.15 0.62
C GLN B 43 -13.23 -4.15 2.13
N LEU B 44 -13.46 -3.00 2.74
CA LEU B 44 -13.25 -2.91 4.21
C LEU B 44 -14.30 -3.76 4.87
N SER B 45 -15.50 -3.73 4.32
CA SER B 45 -16.56 -4.53 4.93
C SER B 45 -16.32 -6.02 4.74
N PHE B 46 -15.49 -6.38 3.77
CA PHE B 46 -15.16 -7.75 3.55
C PHE B 46 -13.92 -8.26 4.28
N PHE B 47 -13.26 -7.40 5.06
CA PHE B 47 -12.05 -7.79 5.80
C PHE B 47 -12.15 -9.12 6.52
N TRP B 48 -11.15 -9.97 6.34
CA TRP B 48 -11.15 -11.26 6.98
C TRP B 48 -9.71 -11.67 7.31
N ARG B 49 -9.60 -12.60 8.26
CA ARG B 49 -8.31 -13.13 8.73
C ARG B 49 -8.19 -14.67 8.46
N PRO B 50 -7.25 -15.03 7.59
CA PRO B 50 -7.01 -16.41 7.21
C PRO B 50 -6.98 -17.38 8.38
N GLU B 51 -6.25 -16.98 9.41
CA GLU B 51 -6.10 -17.78 10.59
C GLU B 51 -7.45 -18.13 11.19
N GLU B 52 -8.42 -17.28 10.99
CA GLU B 52 -9.75 -17.54 11.49
C GLU B 52 -10.46 -18.68 10.73
N VAL B 53 -9.79 -19.24 9.70
CA VAL B 53 -10.34 -20.37 8.94
C VAL B 53 -9.59 -21.67 9.27
N ASP B 54 -10.33 -22.69 9.68
CA ASP B 54 -9.78 -24.00 10.05
C ASP B 54 -9.34 -24.83 8.83
N VAL B 55 -8.09 -25.26 8.77
CA VAL B 55 -7.59 -26.02 7.64
C VAL B 55 -7.03 -27.34 8.13
N SER B 56 -7.40 -27.64 9.37
CA SER B 56 -6.97 -28.84 10.07
C SER B 56 -7.06 -30.10 9.20
N ARG B 57 -8.20 -30.32 8.52
CA ARG B 57 -8.34 -31.54 7.70
C ARG B 57 -7.84 -31.57 6.27
N ASP B 58 -7.30 -30.48 5.74
CA ASP B 58 -6.82 -30.50 4.36
C ASP B 58 -5.59 -31.35 4.22
N ARG B 59 -4.81 -31.38 5.27
CA ARG B 59 -3.57 -32.16 5.28
C ARG B 59 -3.74 -33.65 4.89
N ILE B 60 -4.63 -34.34 5.58
CA ILE B 60 -4.87 -35.75 5.30
C ILE B 60 -5.49 -35.82 3.91
N ASP B 61 -6.35 -34.83 3.59
CA ASP B 61 -7.01 -34.82 2.29
C ASP B 61 -5.97 -34.67 1.23
N TYR B 62 -5.05 -33.76 1.46
CA TYR B 62 -4.00 -33.56 0.48
C TYR B 62 -3.22 -34.83 0.29
N GLN B 63 -2.85 -35.41 1.40
CA GLN B 63 -2.05 -36.62 1.42
C GLN B 63 -2.71 -37.88 0.83
N ALA B 64 -4.01 -38.00 0.97
CA ALA B 64 -4.70 -39.16 0.44
C ALA B 64 -4.91 -39.03 -1.07
N LEU B 65 -4.80 -37.80 -1.57
CA LEU B 65 -4.98 -37.53 -2.99
C LEU B 65 -4.11 -38.42 -3.82
N PRO B 66 -4.51 -38.67 -5.04
CA PRO B 66 -3.71 -39.44 -5.93
C PRO B 66 -2.57 -38.49 -6.31
N GLU B 67 -1.41 -39.03 -6.61
CA GLU B 67 -0.29 -38.20 -6.94
C GLU B 67 -0.57 -37.14 -7.98
N HIS B 68 -1.17 -37.53 -9.11
CA HIS B 68 -1.43 -36.53 -10.15
C HIS B 68 -2.32 -35.41 -9.62
N GLU B 69 -3.23 -35.76 -8.71
CA GLU B 69 -4.12 -34.78 -8.12
C GLU B 69 -3.39 -33.84 -7.12
N LYS B 70 -2.41 -34.35 -6.39
CA LYS B 70 -1.63 -33.54 -5.48
C LYS B 70 -0.95 -32.47 -6.28
N HIS B 71 -0.43 -32.88 -7.40
CA HIS B 71 0.27 -32.03 -8.32
C HIS B 71 -0.61 -30.90 -8.82
N ILE B 72 -1.80 -31.27 -9.26
CA ILE B 72 -2.75 -30.32 -9.78
C ILE B 72 -3.06 -29.25 -8.74
N PHE B 73 -3.32 -29.70 -7.55
CA PHE B 73 -3.67 -28.79 -6.51
C PHE B 73 -2.56 -27.85 -6.11
N ILE B 74 -1.38 -28.39 -5.94
CA ILE B 74 -0.26 -27.61 -5.50
C ILE B 74 0.29 -26.73 -6.57
N SER B 75 0.20 -27.14 -7.82
CA SER B 75 0.71 -26.27 -8.87
C SER B 75 -0.18 -25.05 -8.93
N ASN B 76 -1.48 -25.31 -8.87
CA ASN B 76 -2.45 -24.25 -8.91
C ASN B 76 -2.23 -23.31 -7.72
N LEU B 77 -2.04 -23.89 -6.53
CA LEU B 77 -1.82 -23.08 -5.36
C LEU B 77 -0.56 -22.26 -5.56
N LYS B 78 0.48 -22.90 -6.09
CA LYS B 78 1.73 -22.17 -6.33
C LYS B 78 1.52 -20.98 -7.26
N TYR B 79 0.65 -21.17 -8.24
CA TYR B 79 0.35 -20.11 -9.17
C TYR B 79 -0.39 -18.92 -8.50
N GLN B 80 -1.44 -19.25 -7.74
CA GLN B 80 -2.20 -18.25 -6.99
C GLN B 80 -1.20 -17.44 -6.14
N THR B 81 -0.37 -18.15 -5.39
CA THR B 81 0.65 -17.54 -4.57
C THR B 81 1.53 -16.55 -5.32
N LEU B 82 2.09 -16.94 -6.45
CA LEU B 82 2.89 -16.04 -7.24
C LEU B 82 2.13 -14.79 -7.57
N LEU B 83 0.94 -14.98 -8.15
CA LEU B 83 0.09 -13.88 -8.57
C LEU B 83 -0.16 -12.89 -7.42
N ASP B 84 -0.44 -13.39 -6.26
CA ASP B 84 -0.69 -12.49 -5.16
C ASP B 84 0.55 -11.79 -4.60
N SER B 85 1.70 -12.43 -4.81
CA SER B 85 2.99 -11.86 -4.38
C SER B 85 3.21 -10.65 -5.21
N ILE B 86 2.86 -10.78 -6.47
CA ILE B 86 3.00 -9.67 -7.36
C ILE B 86 1.94 -8.64 -7.08
N GLN B 87 0.70 -9.08 -6.82
CA GLN B 87 -0.40 -8.15 -6.59
C GLN B 87 -0.33 -7.42 -5.23
N GLY B 88 0.40 -7.99 -4.26
CA GLY B 88 0.50 -7.34 -2.99
C GLY B 88 1.31 -6.08 -3.17
N ARG B 89 2.35 -6.13 -3.98
CA ARG B 89 3.21 -4.97 -4.13
C ARG B 89 3.01 -4.07 -5.30
N SER B 90 2.80 -4.67 -6.46
CA SER B 90 2.71 -3.89 -7.71
C SER B 90 1.74 -2.74 -7.95
N PRO B 91 0.50 -2.87 -7.53
CA PRO B 91 -0.40 -1.77 -7.78
C PRO B 91 0.13 -0.56 -6.98
N ASN B 92 0.71 -0.81 -5.82
CA ASN B 92 1.22 0.28 -5.00
C ASN B 92 2.44 0.86 -5.64
N VAL B 93 3.33 0.01 -6.04
CA VAL B 93 4.54 0.55 -6.61
C VAL B 93 4.33 1.07 -7.97
N ALA B 94 3.41 0.43 -8.72
CA ALA B 94 3.19 0.89 -10.09
C ALA B 94 2.27 2.06 -10.36
N LEU B 95 1.12 2.07 -9.68
CA LEU B 95 0.12 3.10 -9.85
C LEU B 95 0.20 4.33 -8.95
N LEU B 96 0.45 4.18 -7.65
CA LEU B 96 0.51 5.32 -6.75
C LEU B 96 1.23 6.55 -7.21
N PRO B 97 2.36 6.38 -7.89
CA PRO B 97 3.11 7.54 -8.34
C PRO B 97 2.46 8.23 -9.47
N LEU B 98 1.38 7.69 -9.99
CA LEU B 98 0.72 8.36 -11.13
C LEU B 98 -0.74 8.71 -10.91
N ILE B 99 -1.30 8.38 -9.75
CA ILE B 99 -2.69 8.68 -9.40
C ILE B 99 -2.88 10.18 -9.04
N SER B 100 -4.00 10.81 -9.53
CA SER B 100 -4.28 12.20 -9.27
C SER B 100 -5.56 12.48 -8.54
N ILE B 101 -6.30 11.43 -8.18
CA ILE B 101 -7.50 11.67 -7.44
C ILE B 101 -7.40 10.77 -6.24
N PRO B 102 -7.78 11.26 -5.08
CA PRO B 102 -7.68 10.51 -3.85
C PRO B 102 -8.45 9.22 -3.69
N GLU B 103 -9.67 9.19 -4.23
CA GLU B 103 -10.46 7.99 -4.05
C GLU B 103 -9.76 6.78 -4.73
N LEU B 104 -9.14 7.11 -5.83
CA LEU B 104 -8.44 6.08 -6.60
C LEU B 104 -7.15 5.74 -5.89
N GLU B 105 -6.49 6.76 -5.33
CA GLU B 105 -5.24 6.53 -4.59
C GLU B 105 -5.52 5.56 -3.46
N THR B 106 -6.53 5.91 -2.71
CA THR B 106 -6.82 5.02 -1.60
C THR B 106 -7.36 3.66 -2.01
N TRP B 107 -8.12 3.61 -3.09
CA TRP B 107 -8.65 2.31 -3.51
C TRP B 107 -7.48 1.37 -3.79
N VAL B 108 -6.51 1.91 -4.53
CA VAL B 108 -5.31 1.15 -4.89
C VAL B 108 -4.57 0.66 -3.64
N GLU B 109 -4.40 1.53 -2.63
CA GLU B 109 -3.72 1.02 -1.43
C GLU B 109 -4.55 -0.06 -0.69
N THR B 110 -5.88 0.05 -0.75
CA THR B 110 -6.74 -0.89 -0.08
C THR B 110 -6.73 -2.21 -0.81
N TRP B 111 -6.83 -2.10 -2.13
CA TRP B 111 -6.79 -3.29 -2.98
C TRP B 111 -5.46 -4.03 -2.73
N ALA B 112 -4.33 -3.33 -2.83
CA ALA B 112 -3.01 -3.92 -2.61
C ALA B 112 -3.00 -4.55 -1.21
N PHE B 113 -3.52 -3.87 -0.22
CA PHE B 113 -3.54 -4.43 1.12
C PHE B 113 -4.29 -5.76 1.13
N SER B 114 -5.48 -5.80 0.53
CA SER B 114 -6.29 -7.05 0.48
C SER B 114 -5.48 -8.20 -0.18
N GLU B 115 -4.63 -7.84 -1.13
CA GLU B 115 -3.80 -8.87 -1.75
C GLU B 115 -2.77 -9.38 -0.72
N THR B 116 -2.32 -8.55 0.23
CA THR B 116 -1.35 -9.12 1.18
C THR B 116 -2.05 -10.12 2.05
N ILE B 117 -3.31 -9.89 2.32
CA ILE B 117 -4.05 -10.83 3.14
C ILE B 117 -4.11 -12.14 2.38
N HIS B 118 -4.35 -12.05 1.07
CA HIS B 118 -4.38 -13.28 0.25
C HIS B 118 -3.05 -14.03 0.40
N SER B 119 -1.94 -13.33 0.28
CA SER B 119 -0.60 -13.95 0.45
C SER B 119 -0.53 -14.61 1.80
N ARG B 120 -0.96 -13.90 2.84
CA ARG B 120 -0.96 -14.43 4.20
C ARG B 120 -1.73 -15.76 4.22
N SER B 121 -2.95 -15.77 3.63
CA SER B 121 -3.78 -17.01 3.60
C SER B 121 -3.07 -18.20 2.91
N PHE B 122 -2.27 -17.93 1.89
CA PHE B 122 -1.54 -19.02 1.24
C PHE B 122 -0.49 -19.64 2.14
N THR B 123 0.15 -18.81 2.93
CA THR B 123 1.09 -19.36 3.82
C THR B 123 0.32 -20.21 4.79
N HIS B 124 -0.80 -19.73 5.23
CA HIS B 124 -1.61 -20.46 6.18
C HIS B 124 -1.98 -21.84 5.65
N ILE B 125 -2.40 -21.90 4.41
CA ILE B 125 -2.77 -23.16 3.78
C ILE B 125 -1.54 -24.03 3.66
N ILE B 126 -0.49 -23.54 2.96
CA ILE B 126 0.72 -24.34 2.80
C ILE B 126 1.25 -24.90 4.10
N ARG B 127 1.36 -24.03 5.09
CA ARG B 127 1.82 -24.43 6.39
C ARG B 127 1.09 -25.63 6.90
N ASN B 128 -0.19 -25.66 6.65
CA ASN B 128 -0.96 -26.73 7.20
C ASN B 128 -1.13 -27.98 6.32
N ILE B 129 -0.39 -28.07 5.23
CA ILE B 129 -0.57 -29.24 4.38
C ILE B 129 0.73 -29.93 4.01
N VAL B 130 1.84 -29.23 4.10
CA VAL B 130 3.10 -29.85 3.74
C VAL B 130 4.03 -29.88 4.96
N ASN B 131 5.06 -30.71 4.94
CA ASN B 131 5.99 -30.79 6.08
C ASN B 131 6.94 -29.62 6.10
N ASP B 132 7.48 -29.28 4.93
CA ASP B 132 8.38 -28.16 4.81
C ASP B 132 7.88 -27.14 3.79
N PRO B 133 7.23 -26.07 4.27
CA PRO B 133 6.73 -25.04 3.39
C PRO B 133 7.77 -24.56 2.42
N SER B 134 9.03 -24.50 2.85
CA SER B 134 10.11 -24.05 1.99
C SER B 134 10.14 -24.83 0.69
N VAL B 135 9.71 -26.09 0.69
CA VAL B 135 9.76 -26.76 -0.61
C VAL B 135 8.83 -26.10 -1.64
N VAL B 136 7.65 -25.72 -1.17
CA VAL B 136 6.66 -25.08 -2.01
C VAL B 136 7.14 -23.69 -2.41
N PHE B 137 7.52 -22.87 -1.40
CA PHE B 137 7.94 -21.51 -1.67
C PHE B 137 9.12 -21.42 -2.60
N ASP B 138 10.05 -22.33 -2.44
CA ASP B 138 11.23 -22.20 -3.28
C ASP B 138 10.97 -22.48 -4.76
N ASP B 139 9.92 -23.29 -5.04
CA ASP B 139 9.54 -23.71 -6.37
C ASP B 139 8.71 -22.69 -7.12
N ILE B 140 8.21 -21.69 -6.44
CA ILE B 140 7.41 -20.68 -7.09
C ILE B 140 8.24 -19.79 -8.01
N VAL B 141 9.42 -19.40 -7.49
CA VAL B 141 10.37 -18.52 -8.17
C VAL B 141 10.97 -19.05 -9.49
N THR B 142 11.38 -20.31 -9.48
CA THR B 142 12.02 -20.95 -10.63
C THR B 142 11.15 -21.95 -11.39
N ASN B 143 9.94 -22.23 -10.87
CA ASN B 143 9.09 -23.19 -11.56
C ASN B 143 8.90 -22.78 -12.98
N GLU B 144 9.47 -23.55 -13.88
CA GLU B 144 9.40 -23.26 -15.31
C GLU B 144 7.97 -23.07 -15.80
N GLN B 145 7.10 -23.93 -15.28
CA GLN B 145 5.70 -23.93 -15.64
C GLN B 145 5.01 -22.65 -15.24
N ILE B 146 5.29 -22.22 -14.00
CA ILE B 146 4.72 -20.99 -13.45
C ILE B 146 5.18 -19.75 -14.24
N GLN B 147 6.49 -19.48 -14.28
CA GLN B 147 6.96 -18.31 -15.00
C GLN B 147 6.49 -18.32 -16.42
N LYS B 148 6.10 -19.53 -16.84
CA LYS B 148 5.59 -19.70 -18.19
C LYS B 148 4.13 -19.23 -18.33
N ARG B 149 3.27 -19.60 -17.36
CA ARG B 149 1.85 -19.19 -17.35
C ARG B 149 1.79 -17.66 -17.07
N ALA B 150 2.62 -17.24 -16.09
CA ALA B 150 2.77 -15.87 -15.59
C ALA B 150 3.59 -14.91 -16.41
N GLU B 151 4.27 -15.45 -17.39
CA GLU B 151 5.14 -14.65 -18.22
C GLU B 151 4.50 -13.36 -18.76
N GLY B 152 5.25 -12.25 -18.60
CA GLY B 152 4.77 -10.98 -19.06
C GLY B 152 4.12 -10.10 -17.99
N ILE B 153 3.70 -10.71 -16.92
CA ILE B 153 3.09 -9.91 -15.89
C ILE B 153 4.07 -8.91 -15.25
N SER B 154 5.15 -9.40 -14.67
CA SER B 154 6.10 -8.50 -14.06
C SER B 154 6.65 -7.52 -15.06
N SER B 155 6.85 -7.98 -16.30
CA SER B 155 7.37 -7.09 -17.31
C SER B 155 6.47 -5.88 -17.61
N TYR B 156 5.15 -6.05 -17.68
CA TYR B 156 4.34 -4.87 -17.94
C TYR B 156 4.52 -3.87 -16.78
N TYR B 157 4.45 -4.39 -15.54
CA TYR B 157 4.59 -3.54 -14.38
C TYR B 157 6.01 -2.88 -14.38
N ASP B 158 7.05 -3.72 -14.54
CA ASP B 158 8.45 -3.19 -14.55
C ASP B 158 8.80 -2.07 -15.56
N GLU B 159 8.19 -2.10 -16.75
CA GLU B 159 8.42 -1.12 -17.81
C GLU B 159 7.71 0.18 -17.53
N LEU B 160 6.53 0.03 -16.99
CA LEU B 160 5.73 1.19 -16.68
C LEU B 160 6.47 1.93 -15.54
N ILE B 161 6.94 1.18 -14.56
CA ILE B 161 7.67 1.73 -13.41
C ILE B 161 8.93 2.54 -13.86
N GLU B 162 9.71 1.93 -14.73
CA GLU B 162 10.89 2.59 -15.23
C GLU B 162 10.55 3.84 -16.05
N MET B 163 9.54 3.72 -16.91
CA MET B 163 9.13 4.85 -17.71
C MET B 163 8.68 5.96 -16.78
N THR B 164 7.91 5.55 -15.77
CA THR B 164 7.39 6.52 -14.83
C THR B 164 8.55 7.28 -14.22
N SER B 165 9.59 6.53 -13.90
CA SER B 165 10.78 7.09 -13.30
C SER B 165 11.43 8.10 -14.22
N TYR B 166 11.64 7.72 -15.45
CA TYR B 166 12.25 8.67 -16.34
C TYR B 166 11.40 9.94 -16.47
N TRP B 167 10.08 9.74 -16.55
CA TRP B 167 9.16 10.86 -16.71
C TRP B 167 9.27 11.81 -15.55
N HIS B 168 9.22 11.29 -14.37
CA HIS B 168 9.32 12.12 -13.17
C HIS B 168 10.67 12.81 -12.99
N LEU B 169 11.71 12.14 -13.41
CA LEU B 169 13.03 12.68 -13.24
C LEU B 169 13.39 13.71 -14.29
N LEU B 170 13.27 13.31 -15.56
CA LEU B 170 13.64 14.11 -16.68
C LEU B 170 12.51 14.86 -17.36
N GLY B 171 11.29 14.47 -17.13
CA GLY B 171 10.22 15.21 -17.82
C GLY B 171 10.17 14.88 -19.33
N GLU B 172 9.15 15.34 -20.00
CA GLU B 172 9.01 15.02 -21.39
C GLU B 172 10.09 15.59 -22.28
N GLY B 173 10.62 14.77 -23.19
CA GLY B 173 11.63 15.29 -24.12
C GLY B 173 12.58 14.24 -24.70
N THR B 174 13.58 14.76 -25.37
CA THR B 174 14.62 13.96 -25.98
C THR B 174 15.84 14.32 -25.15
N HIS B 175 16.35 13.34 -24.40
CA HIS B 175 17.47 13.53 -23.51
C HIS B 175 18.64 12.61 -23.80
N THR B 176 19.73 12.81 -23.07
CA THR B 176 20.89 11.96 -23.25
C THR B 176 21.28 11.49 -21.90
N VAL B 177 21.74 10.28 -21.86
CA VAL B 177 22.14 9.69 -20.63
C VAL B 177 23.30 8.84 -20.99
N ASN B 178 24.47 9.20 -20.45
CA ASN B 178 25.71 8.49 -20.71
C ASN B 178 26.00 8.19 -22.17
N GLY B 179 25.79 9.18 -23.02
CA GLY B 179 26.08 8.99 -24.41
C GLY B 179 24.90 8.41 -25.15
N LYS B 180 23.88 7.93 -24.47
CA LYS B 180 22.74 7.38 -25.22
C LYS B 180 21.56 8.31 -25.18
N THR B 181 20.78 8.33 -26.27
CA THR B 181 19.61 9.16 -26.36
C THR B 181 18.44 8.45 -25.74
N VAL B 182 17.72 9.18 -24.88
CA VAL B 182 16.58 8.63 -24.15
C VAL B 182 15.40 9.53 -24.36
N THR B 183 14.39 9.04 -25.06
CA THR B 183 13.20 9.82 -25.34
C THR B 183 12.09 9.57 -24.35
N VAL B 184 11.48 10.64 -23.86
CA VAL B 184 10.41 10.54 -22.88
C VAL B 184 9.16 11.21 -23.42
N SER B 185 8.09 10.41 -23.51
CA SER B 185 6.84 10.90 -24.03
C SER B 185 5.72 10.51 -23.13
N LEU B 186 4.93 11.49 -22.77
CA LEU B 186 3.77 11.31 -21.94
C LEU B 186 2.83 10.34 -22.67
N ARG B 187 2.69 10.52 -23.99
CA ARG B 187 1.82 9.64 -24.79
C ARG B 187 2.24 8.17 -24.70
N GLU B 188 3.52 7.91 -24.83
CA GLU B 188 4.00 6.54 -24.75
C GLU B 188 3.77 6.04 -23.32
N LEU B 189 3.97 6.89 -22.36
CA LEU B 189 3.76 6.50 -20.96
C LEU B 189 2.28 6.22 -20.73
N LYS B 190 1.35 6.95 -21.34
CA LYS B 190 -0.08 6.66 -21.14
C LYS B 190 -0.44 5.32 -21.76
N LYS B 191 0.24 5.02 -22.86
CA LYS B 191 0.02 3.75 -23.54
C LYS B 191 0.42 2.64 -22.59
N LYS B 192 1.66 2.75 -22.07
CA LYS B 192 2.16 1.74 -21.14
C LYS B 192 1.22 1.53 -19.96
N LEU B 193 0.79 2.60 -19.33
CA LEU B 193 -0.15 2.46 -18.21
C LEU B 193 -1.41 1.67 -18.66
N TYR B 194 -2.00 2.13 -19.80
CA TYR B 194 -3.21 1.51 -20.40
C TYR B 194 -3.07 0.01 -20.60
N LEU B 195 -2.00 -0.39 -21.25
CA LEU B 195 -1.79 -1.81 -21.46
C LEU B 195 -1.51 -2.52 -20.16
N CYS B 196 -0.86 -1.80 -19.24
CA CYS B 196 -0.57 -2.44 -17.95
C CYS B 196 -1.87 -2.72 -17.18
N LEU B 197 -2.76 -1.73 -17.19
CA LEU B 197 -4.06 -1.87 -16.51
C LEU B 197 -4.88 -3.03 -17.14
N MET B 198 -4.90 -3.05 -18.49
CA MET B 198 -5.59 -4.09 -19.28
C MET B 198 -5.04 -5.45 -18.85
N SER B 199 -3.73 -5.50 -18.75
CA SER B 199 -3.11 -6.74 -18.32
C SER B 199 -3.49 -7.13 -16.91
N VAL B 200 -3.58 -6.16 -15.97
CA VAL B 200 -3.95 -6.47 -14.57
C VAL B 200 -5.41 -6.90 -14.54
N ASN B 201 -6.20 -6.31 -15.42
CA ASN B 201 -7.59 -6.69 -15.55
C ASN B 201 -7.65 -8.16 -15.94
N ALA B 202 -6.81 -8.57 -16.90
CA ALA B 202 -6.85 -9.99 -17.26
C ALA B 202 -6.45 -10.80 -16.13
N LEU B 203 -5.43 -10.32 -15.44
CA LEU B 203 -4.94 -11.06 -14.29
C LEU B 203 -6.00 -11.29 -13.27
N GLU B 204 -6.80 -10.26 -12.98
CA GLU B 204 -7.85 -10.43 -11.98
C GLU B 204 -9.10 -11.13 -12.56
N ALA B 205 -9.45 -10.77 -13.78
CA ALA B 205 -10.64 -11.26 -14.42
C ALA B 205 -10.55 -12.67 -14.92
N ILE B 206 -9.42 -13.01 -15.55
CA ILE B 206 -9.26 -14.35 -16.06
C ILE B 206 -8.31 -15.33 -15.39
N ARG B 207 -7.08 -14.87 -15.20
CA ARG B 207 -6.08 -15.72 -14.58
C ARG B 207 -6.54 -16.28 -13.22
N PHE B 208 -7.02 -15.41 -12.35
CA PHE B 208 -7.46 -15.90 -11.07
C PHE B 208 -8.67 -16.80 -11.12
N TYR B 209 -9.58 -16.43 -11.99
CA TYR B 209 -10.80 -17.20 -12.13
C TYR B 209 -10.54 -18.62 -12.59
N VAL B 210 -9.59 -18.79 -13.47
CA VAL B 210 -9.29 -20.11 -13.92
C VAL B 210 -8.79 -20.91 -12.76
N SER B 211 -7.93 -20.31 -11.96
CA SER B 211 -7.41 -20.95 -10.73
C SER B 211 -8.54 -21.28 -9.77
N PHE B 212 -9.52 -20.38 -9.64
CA PHE B 212 -10.63 -20.67 -8.74
C PHE B 212 -11.31 -21.99 -9.10
N ALA B 213 -11.43 -22.22 -10.41
CA ALA B 213 -12.10 -23.45 -10.94
C ALA B 213 -11.26 -24.66 -10.53
N CYS B 214 -9.94 -24.56 -10.78
CA CYS B 214 -9.07 -25.68 -10.39
C CYS B 214 -9.34 -25.92 -8.84
N SER B 215 -9.29 -24.89 -7.97
CA SER B 215 -9.54 -25.11 -6.51
C SER B 215 -10.95 -25.60 -6.12
N PHE B 216 -11.94 -25.01 -6.72
CA PHE B 216 -13.28 -25.40 -6.35
C PHE B 216 -13.62 -26.85 -6.81
N ALA B 217 -12.98 -27.33 -7.88
CA ALA B 217 -13.18 -28.73 -8.35
C ALA B 217 -13.03 -29.67 -7.16
N PHE B 218 -11.97 -29.48 -6.36
CA PHE B 218 -11.74 -30.26 -5.14
C PHE B 218 -12.90 -30.02 -4.14
N ALA B 219 -13.23 -28.76 -3.87
CA ALA B 219 -14.31 -28.45 -2.95
C ALA B 219 -15.62 -29.24 -3.28
N GLU B 220 -15.91 -29.33 -4.58
CA GLU B 220 -17.09 -30.01 -5.07
C GLU B 220 -17.07 -31.44 -4.57
N ARG B 221 -15.87 -31.97 -4.39
CA ARG B 221 -15.75 -33.33 -3.89
C ARG B 221 -15.53 -33.33 -2.40
N GLU B 222 -15.96 -32.29 -1.71
CA GLU B 222 -15.76 -32.26 -0.26
C GLU B 222 -14.27 -32.40 0.12
N LEU B 223 -13.37 -32.11 -0.82
CA LEU B 223 -11.92 -32.20 -0.56
C LEU B 223 -11.27 -30.82 -0.36
N MET B 224 -10.23 -30.73 0.49
CA MET B 224 -9.53 -29.46 0.77
C MET B 224 -10.53 -28.36 1.16
N GLU B 225 -11.42 -28.66 2.07
CA GLU B 225 -12.42 -27.69 2.44
C GLU B 225 -11.89 -26.49 3.17
N GLY B 226 -10.68 -26.60 3.69
CA GLY B 226 -10.11 -25.45 4.36
C GLY B 226 -9.74 -24.44 3.26
N ASN B 227 -8.98 -24.95 2.30
CA ASN B 227 -8.52 -24.18 1.17
C ASN B 227 -9.73 -23.51 0.52
N ALA B 228 -10.76 -24.32 0.31
CA ALA B 228 -11.96 -23.81 -0.32
C ALA B 228 -12.54 -22.57 0.33
N LYS B 229 -12.62 -22.56 1.68
CA LYS B 229 -13.20 -21.37 2.34
C LYS B 229 -12.33 -20.18 2.05
N ILE B 230 -11.02 -20.42 2.07
CA ILE B 230 -10.14 -19.34 1.80
C ILE B 230 -10.32 -18.87 0.39
N ILE B 231 -10.37 -19.83 -0.52
CA ILE B 231 -10.56 -19.43 -1.92
C ILE B 231 -11.85 -18.65 -2.13
N ARG B 232 -12.85 -19.02 -1.40
CA ARG B 232 -14.12 -18.34 -1.52
C ARG B 232 -13.96 -16.89 -1.10
N LEU B 233 -13.27 -16.69 0.02
CA LEU B 233 -13.07 -15.34 0.56
C LEU B 233 -12.25 -14.55 -0.40
N ILE B 234 -11.28 -15.22 -1.01
CA ILE B 234 -10.41 -14.58 -2.00
C ILE B 234 -11.20 -14.20 -3.29
N ALA B 235 -12.01 -15.13 -3.78
CA ALA B 235 -12.82 -14.83 -4.97
C ALA B 235 -13.76 -13.62 -4.76
N ARG B 236 -14.28 -13.45 -3.53
CA ARG B 236 -15.16 -12.30 -3.26
C ARG B 236 -14.40 -10.98 -3.40
N ASP B 237 -13.14 -11.00 -2.94
CA ASP B 237 -12.29 -9.80 -3.08
C ASP B 237 -12.00 -9.55 -4.56
N ALA B 238 -11.68 -10.62 -5.30
CA ALA B 238 -11.36 -10.43 -6.73
C ALA B 238 -12.46 -9.76 -7.53
N ALA B 239 -13.70 -10.05 -7.17
CA ALA B 239 -14.82 -9.44 -7.90
C ALA B 239 -14.70 -7.93 -7.81
N LEU B 240 -14.40 -7.47 -6.57
CA LEU B 240 -14.20 -6.03 -6.31
C LEU B 240 -13.00 -5.55 -7.11
N HIS B 241 -11.89 -6.30 -7.07
CA HIS B 241 -10.70 -5.84 -7.79
C HIS B 241 -10.98 -5.75 -9.24
N LEU B 242 -11.75 -6.71 -9.72
CA LEU B 242 -12.13 -6.80 -11.16
C LEU B 242 -12.94 -5.53 -11.53
N THR B 243 -13.86 -5.17 -10.67
CA THR B 243 -14.71 -4.01 -10.84
C THR B 243 -13.90 -2.73 -10.98
N GLY B 244 -12.90 -2.55 -10.10
CA GLY B 244 -12.06 -1.35 -10.20
C GLY B 244 -11.32 -1.29 -11.52
N THR B 245 -10.66 -2.38 -11.91
CA THR B 245 -9.92 -2.30 -13.19
C THR B 245 -10.84 -2.03 -14.36
N GLN B 246 -12.02 -2.67 -14.35
CA GLN B 246 -12.98 -2.46 -15.46
C GLN B 246 -13.41 -1.03 -15.60
N HIS B 247 -13.74 -0.39 -14.46
CA HIS B 247 -14.17 0.99 -14.49
C HIS B 247 -13.05 1.88 -14.95
N MET B 248 -11.86 1.63 -14.45
CA MET B 248 -10.69 2.45 -14.85
C MET B 248 -10.47 2.44 -16.35
N LEU B 249 -10.58 1.26 -16.93
CA LEU B 249 -10.36 1.10 -18.35
C LEU B 249 -11.53 1.71 -19.04
N ASN B 250 -12.72 1.40 -18.61
CA ASN B 250 -13.86 1.99 -19.30
C ASN B 250 -13.86 3.48 -19.23
N LEU B 251 -13.51 4.05 -18.07
CA LEU B 251 -13.47 5.52 -17.99
C LEU B 251 -12.37 6.02 -18.91
N LEU B 252 -11.27 5.27 -18.99
CA LEU B 252 -10.13 5.65 -19.85
C LEU B 252 -10.49 5.61 -21.34
N ARG B 253 -11.02 4.48 -21.79
CA ARG B 253 -11.39 4.38 -23.20
C ARG B 253 -12.55 5.32 -23.58
N SER B 254 -13.54 5.41 -22.75
CA SER B 254 -14.65 6.26 -23.04
C SER B 254 -14.33 7.72 -23.31
N GLY B 255 -13.10 8.17 -23.11
CA GLY B 255 -12.77 9.60 -23.36
C GLY B 255 -13.30 10.70 -22.39
N ALA B 256 -14.07 10.32 -21.34
CA ALA B 256 -14.63 11.23 -20.33
C ALA B 256 -13.51 11.84 -19.48
N ASP B 257 -12.62 10.94 -19.01
CA ASP B 257 -11.49 11.29 -18.16
C ASP B 257 -10.21 11.90 -18.77
N ASP B 258 -9.79 11.39 -19.90
CA ASP B 258 -8.63 11.86 -20.59
C ASP B 258 -8.72 11.46 -22.06
N PRO B 259 -9.04 12.45 -22.83
CA PRO B 259 -9.20 12.36 -24.27
C PRO B 259 -8.10 11.57 -24.97
N GLU B 260 -6.87 11.91 -24.65
CA GLU B 260 -5.70 11.29 -25.23
C GLU B 260 -5.73 9.83 -24.87
N MET B 261 -6.24 9.52 -23.68
CA MET B 261 -6.35 8.13 -23.26
C MET B 261 -7.39 7.42 -24.15
N ALA B 262 -8.47 8.15 -24.43
CA ALA B 262 -9.53 7.62 -25.27
C ALA B 262 -8.90 7.30 -26.59
N GLU B 263 -8.12 8.25 -27.12
CA GLU B 263 -7.45 8.07 -28.39
C GLU B 263 -6.62 6.86 -28.30
N ILE B 264 -5.62 6.90 -27.41
CA ILE B 264 -4.72 5.79 -27.18
C ILE B 264 -5.43 4.45 -27.12
N ALA B 265 -6.47 4.39 -26.31
CA ALA B 265 -7.23 3.17 -26.13
C ALA B 265 -7.63 2.63 -27.51
N GLU B 266 -8.13 3.53 -28.34
CA GLU B 266 -8.55 3.14 -29.68
C GLU B 266 -7.41 2.61 -30.52
N GLU B 267 -6.28 3.31 -30.54
CA GLU B 267 -5.18 2.84 -31.35
C GLU B 267 -4.52 1.51 -31.02
N CYS B 268 -4.61 1.05 -29.76
CA CYS B 268 -4.02 -0.23 -29.38
C CYS B 268 -5.00 -1.38 -29.18
N LYS B 269 -6.23 -1.17 -29.66
CA LYS B 269 -7.34 -2.13 -29.61
C LYS B 269 -6.85 -3.52 -29.96
N GLN B 270 -6.40 -3.65 -31.21
CA GLN B 270 -5.88 -4.90 -31.74
C GLN B 270 -4.78 -5.38 -30.82
N GLU B 271 -3.95 -4.44 -30.36
CA GLU B 271 -2.89 -4.80 -29.44
C GLU B 271 -3.52 -5.46 -28.18
N CYS B 272 -4.56 -4.82 -27.61
CA CYS B 272 -5.21 -5.38 -26.42
C CYS B 272 -5.84 -6.71 -26.67
N TYR B 273 -6.55 -6.80 -27.78
CA TYR B 273 -7.18 -8.05 -28.13
C TYR B 273 -6.17 -9.18 -28.07
N ASP B 274 -5.05 -8.94 -28.72
CA ASP B 274 -4.00 -9.93 -28.76
C ASP B 274 -3.44 -10.25 -27.41
N LEU B 275 -3.27 -9.21 -26.60
CA LEU B 275 -2.74 -9.43 -25.27
C LEU B 275 -3.65 -10.42 -24.52
N PHE B 276 -4.95 -10.18 -24.62
CA PHE B 276 -5.97 -11.01 -23.99
C PHE B 276 -5.89 -12.42 -24.46
N VAL B 277 -5.95 -12.57 -25.77
CA VAL B 277 -5.86 -13.90 -26.31
C VAL B 277 -4.60 -14.60 -25.82
N GLN B 278 -3.47 -13.87 -25.81
CA GLN B 278 -2.22 -14.44 -25.33
C GLN B 278 -2.38 -14.99 -23.91
N ALA B 279 -3.03 -14.18 -23.06
CA ALA B 279 -3.24 -14.65 -21.66
C ALA B 279 -4.13 -15.89 -21.57
N ALA B 280 -5.20 -15.90 -22.39
CA ALA B 280 -6.14 -17.04 -22.43
C ALA B 280 -5.38 -18.29 -22.80
N GLN B 281 -4.45 -18.11 -23.72
CA GLN B 281 -3.58 -19.19 -24.26
C GLN B 281 -2.60 -19.78 -23.23
N GLN B 282 -1.99 -18.87 -22.45
CA GLN B 282 -1.06 -19.30 -21.43
C GLN B 282 -1.78 -20.18 -20.47
N GLU B 283 -2.99 -19.75 -20.14
CA GLU B 283 -3.80 -20.50 -19.20
C GLU B 283 -4.12 -21.86 -19.77
N LYS B 284 -4.49 -21.89 -21.06
CA LYS B 284 -4.79 -23.16 -21.74
C LYS B 284 -3.57 -24.03 -21.58
N ASP B 285 -2.44 -23.52 -22.06
CA ASP B 285 -1.18 -24.23 -21.96
C ASP B 285 -0.87 -24.72 -20.59
N TRP B 286 -1.15 -23.93 -19.58
CA TRP B 286 -0.86 -24.38 -18.24
C TRP B 286 -1.71 -25.62 -18.02
N ALA B 287 -2.99 -25.47 -18.34
CA ALA B 287 -3.97 -26.53 -18.18
C ALA B 287 -3.52 -27.79 -18.88
N ASP B 288 -2.99 -27.66 -20.07
CA ASP B 288 -2.51 -28.81 -20.83
C ASP B 288 -1.41 -29.60 -20.12
N TYR B 289 -0.61 -28.91 -19.30
CA TYR B 289 0.49 -29.53 -18.58
C TYR B 289 0.14 -30.03 -17.20
N LEU B 290 -0.73 -29.30 -16.53
CA LEU B 290 -1.15 -29.66 -15.20
C LEU B 290 -1.99 -30.94 -15.19
N PHE B 291 -2.58 -31.30 -16.36
CA PHE B 291 -3.43 -32.49 -16.50
C PHE B 291 -2.84 -33.53 -17.45
N ARG B 292 -1.54 -33.55 -17.62
CA ARG B 292 -0.94 -34.51 -18.55
C ARG B 292 -0.71 -35.92 -18.02
N ASP B 293 -0.16 -36.00 -16.81
CA ASP B 293 0.11 -37.27 -16.16
C ASP B 293 -1.18 -37.83 -15.47
N GLY B 294 -2.31 -37.17 -15.78
CA GLY B 294 -3.60 -37.54 -15.24
C GLY B 294 -4.51 -36.33 -15.07
N SER B 295 -5.79 -36.54 -15.34
CA SER B 295 -6.80 -35.51 -15.21
C SER B 295 -7.54 -35.77 -13.90
N MET B 296 -8.13 -34.75 -13.36
CA MET B 296 -8.82 -34.92 -12.11
C MET B 296 -10.26 -35.31 -12.26
N ILE B 297 -10.85 -35.64 -11.11
CA ILE B 297 -12.23 -36.07 -11.04
C ILE B 297 -13.27 -34.97 -11.14
N GLY B 298 -13.63 -34.57 -12.35
CA GLY B 298 -14.62 -33.53 -12.48
C GLY B 298 -14.07 -32.28 -13.14
N LEU B 299 -12.84 -32.38 -13.62
CA LEU B 299 -12.18 -31.29 -14.29
C LEU B 299 -11.10 -31.96 -15.13
N ASN B 300 -10.78 -31.39 -16.31
CA ASN B 300 -9.77 -31.97 -17.20
C ASN B 300 -9.34 -30.86 -18.11
N LYS B 301 -8.38 -31.14 -18.97
CA LYS B 301 -7.84 -30.14 -19.87
C LYS B 301 -8.88 -29.49 -20.80
N ASP B 302 -9.81 -30.29 -21.26
CA ASP B 302 -10.80 -29.78 -22.16
C ASP B 302 -11.87 -28.95 -21.52
N ILE B 303 -12.33 -29.37 -20.35
CA ILE B 303 -13.35 -28.60 -19.65
C ILE B 303 -12.74 -27.25 -19.28
N LEU B 304 -11.58 -27.29 -18.65
CA LEU B 304 -10.88 -26.09 -18.24
C LEU B 304 -10.64 -25.15 -19.38
N CYS B 305 -10.25 -25.74 -20.49
CA CYS B 305 -10.00 -24.99 -21.69
C CYS B 305 -11.27 -24.26 -22.17
N GLN B 306 -12.44 -24.93 -22.07
CA GLN B 306 -13.71 -24.31 -22.45
C GLN B 306 -14.00 -23.09 -21.53
N TYR B 307 -13.76 -23.30 -20.23
CA TYR B 307 -13.97 -22.29 -19.19
C TYR B 307 -13.15 -21.06 -19.49
N VAL B 308 -11.88 -21.27 -19.77
CA VAL B 308 -11.05 -20.16 -20.10
C VAL B 308 -11.62 -19.38 -21.29
N GLU B 309 -12.15 -20.09 -22.30
CA GLU B 309 -12.69 -19.35 -23.45
C GLU B 309 -13.96 -18.65 -23.04
N TYR B 310 -14.74 -19.35 -22.25
CA TYR B 310 -15.96 -18.78 -21.78
C TYR B 310 -15.70 -17.47 -20.99
N ILE B 311 -15.06 -17.54 -19.83
CA ILE B 311 -14.83 -16.31 -19.07
C ILE B 311 -14.00 -15.27 -19.83
N THR B 312 -13.06 -15.70 -20.66
CA THR B 312 -12.32 -14.68 -21.39
C THR B 312 -13.30 -13.82 -22.24
N ASN B 313 -14.26 -14.49 -22.85
CA ASN B 313 -15.26 -13.79 -23.67
C ASN B 313 -16.01 -12.76 -22.86
N ILE B 314 -16.44 -13.17 -21.70
CA ILE B 314 -17.18 -12.21 -20.90
C ILE B 314 -16.34 -11.01 -20.45
N ARG B 315 -15.11 -11.30 -20.04
CA ARG B 315 -14.23 -10.23 -19.58
C ARG B 315 -13.93 -9.21 -20.63
N MET B 316 -13.60 -9.72 -21.82
CA MET B 316 -13.26 -8.86 -22.95
C MET B 316 -14.39 -8.00 -23.46
N GLN B 317 -15.60 -8.52 -23.37
CA GLN B 317 -16.68 -7.69 -23.81
C GLN B 317 -16.88 -6.62 -22.78
N ALA B 318 -16.76 -6.99 -21.52
CA ALA B 318 -16.97 -6.03 -20.45
C ALA B 318 -16.04 -4.84 -20.65
N VAL B 319 -14.97 -4.99 -21.43
CA VAL B 319 -14.06 -3.86 -21.67
C VAL B 319 -14.01 -3.39 -23.12
N GLY B 320 -15.08 -3.71 -23.88
CA GLY B 320 -15.27 -3.32 -25.29
C GLY B 320 -14.45 -4.05 -26.32
N LEU B 321 -13.92 -5.21 -25.96
CA LEU B 321 -13.10 -5.92 -26.93
C LEU B 321 -13.95 -6.93 -27.71
N ASP B 322 -13.52 -7.33 -28.89
CA ASP B 322 -14.34 -8.26 -29.59
C ASP B 322 -14.11 -9.62 -29.01
N LEU B 323 -15.08 -10.48 -29.19
CA LEU B 323 -14.94 -11.82 -28.63
C LEU B 323 -14.04 -12.67 -29.50
N PRO B 324 -13.07 -13.36 -28.90
CA PRO B 324 -12.15 -14.17 -29.65
C PRO B 324 -12.64 -15.62 -29.79
N PHE B 325 -13.55 -16.01 -28.90
CA PHE B 325 -14.00 -17.37 -28.92
C PHE B 325 -15.45 -17.59 -29.21
N GLN B 326 -15.77 -18.85 -29.47
CA GLN B 326 -17.15 -19.22 -29.76
C GLN B 326 -17.95 -18.96 -28.50
N THR B 327 -19.11 -18.36 -28.69
CA THR B 327 -19.97 -18.08 -27.57
C THR B 327 -20.56 -19.39 -27.14
N ARG B 328 -20.62 -19.60 -25.85
CA ARG B 328 -21.15 -20.83 -25.30
C ARG B 328 -21.58 -20.49 -23.90
N SER B 329 -22.41 -21.34 -23.29
CA SER B 329 -22.88 -21.16 -21.93
C SER B 329 -21.80 -21.66 -21.00
N ASN B 330 -21.83 -21.26 -19.73
CA ASN B 330 -20.82 -21.66 -18.77
C ASN B 330 -20.71 -23.17 -18.80
N PRO B 331 -19.53 -23.72 -18.97
CA PRO B 331 -19.37 -25.13 -19.08
C PRO B 331 -19.27 -25.81 -17.78
N ILE B 332 -19.21 -25.02 -16.68
CA ILE B 332 -19.10 -25.54 -15.33
C ILE B 332 -19.87 -24.70 -14.33
N PRO B 333 -21.15 -24.67 -14.59
CA PRO B 333 -22.08 -23.92 -13.78
C PRO B 333 -21.97 -24.27 -12.31
N TRP B 334 -21.41 -25.41 -11.95
CA TRP B 334 -21.27 -25.73 -10.51
C TRP B 334 -20.35 -24.72 -9.73
N ILE B 335 -19.49 -24.04 -10.48
CA ILE B 335 -18.56 -23.09 -9.93
C ILE B 335 -19.29 -21.90 -9.30
N ASN B 336 -20.47 -21.58 -9.82
CA ASN B 336 -21.27 -20.47 -9.32
C ASN B 336 -21.64 -20.61 -7.88
N THR B 337 -21.51 -21.80 -7.35
CA THR B 337 -21.84 -22.02 -5.96
C THR B 337 -20.73 -21.49 -5.07
N TRP B 338 -19.54 -21.34 -5.65
CA TRP B 338 -18.40 -20.87 -4.91
C TRP B 338 -18.12 -19.44 -5.13
N LEU B 339 -18.62 -18.93 -6.23
CA LEU B 339 -18.41 -17.55 -6.55
C LEU B 339 -19.60 -16.77 -6.04
N VAL B 340 -19.71 -16.71 -4.70
CA VAL B 340 -20.80 -16.01 -3.97
C VAL B 340 -21.25 -14.71 -4.70
N SER B 341 -20.34 -14.18 -5.51
CA SER B 341 -20.62 -12.98 -6.28
C SER B 341 -20.86 -13.50 -7.71
FE FE C . -2.07 7.89 11.34
FE FE D . 1.23 6.22 12.04
HG HG E . 10.94 10.52 5.58
HG HG F . 21.41 8.18 14.73
HG HG G . 11.05 7.76 5.35
HG HG H . -1.17 19.58 22.61
HG HG I . 26.06 11.93 7.69
HG HG J . 9.43 24.02 27.89
N1 AZI K . -0.73 6.48 12.51
N2 AZI K . -0.67 7.39 13.32
N3 AZI K . -0.59 8.26 14.07
FE FE L . -5.38 -11.82 -4.41
FE FE M . -6.97 -9.19 -6.61
HG HG N . -0.50 -2.25 -14.20
HG HG O . -4.11 -1.39 -25.82
HG HG P . 0.66 -4.42 -15.47
HG HG Q . -7.98 -28.83 -10.07
HG HG R . -9.29 -24.64 -13.92
HG HG S . -5.29 -5.99 -23.47
#